data_5Z73
#
_entry.id   5Z73
#
_cell.length_a   166.637
_cell.length_b   82.384
_cell.length_c   94.829
_cell.angle_alpha   90.00
_cell.angle_beta   118.86
_cell.angle_gamma   90.00
#
_symmetry.space_group_name_H-M   'C 1 2 1'
#
loop_
_entity.id
_entity.type
_entity.pdbx_description
1 polymer 'Alr0819 protein'
2 non-polymer GLYCEROL
3 water water
#
_entity_poly.entity_id   1
_entity_poly.type   'polypeptide(L)'
_entity_poly.pdbx_seq_one_letter_code
;(MSE)HHHHHHGTNDIIEESAWEALEKSILYYKGRPVGTVAAFDASVEALNYDQCFVRDFVSSALIFLIKGKTDIVRNFL
EETLKLQPKDRQLDAYKPGRGLIPASFKVVSDNGEEYLEADFGEHAIARVTPVDSCLWWILLLRAYVVASKDFSLAYQPE
FQTGIRLI(MSE)EICLANRFD(MSE)YPTLLVPDGAC(MSE)IDRRLGIYGHPLELQVLFYAALRAARE(MSE)LICQG
NQDVVEAIDNRLPLLCAHIRQHYWIDINRLNAIYRFKSEEYGKAAVNLFNIYVDSIPYYELDKWLPKKGGYLAGNVGPSQ
LDTRFFALGNL(MSE)AIISDLATEEQSQAI(MSE)TLIEDRWEDLVGD(MSE)P(MSE)KICYPALENEEYRIVTGCDP
KNIPWSYHNAGSWPVL(MSE)W(MSE)LAAASVKAGKPYIAGKAIEIAQARLLEDEWPEYYDGKKGRLIGKQARKYQTWT
IAGFLLAAEL(MSE)KNPSLLSLIS
;
_entity_poly.pdbx_strand_id   A,B
#
# COMPACT_ATOMS: atom_id res chain seq x y z
N ASN A 10 -41.62 -9.00 -17.88
CA ASN A 10 -40.36 -8.21 -18.14
C ASN A 10 -40.64 -6.73 -18.36
N ASP A 11 -41.56 -6.42 -19.29
CA ASP A 11 -41.94 -5.04 -19.58
C ASP A 11 -42.48 -4.31 -18.35
N ILE A 12 -43.28 -5.02 -17.55
CA ILE A 12 -43.92 -4.43 -16.36
C ILE A 12 -42.91 -4.10 -15.26
N ILE A 13 -41.94 -4.98 -15.07
CA ILE A 13 -40.91 -4.80 -14.04
C ILE A 13 -39.90 -3.76 -14.50
N GLU A 14 -39.53 -3.83 -15.78
CA GLU A 14 -38.61 -2.85 -16.37
C GLU A 14 -39.19 -1.44 -16.31
N GLU A 15 -40.51 -1.32 -16.49
CA GLU A 15 -41.18 -0.03 -16.39
C GLU A 15 -41.21 0.48 -14.96
N SER A 16 -41.44 -0.41 -14.00
CA SER A 16 -41.40 -0.05 -12.58
C SER A 16 -39.99 0.39 -12.16
N ALA A 17 -38.98 -0.33 -12.66
CA ALA A 17 -37.59 0.02 -12.41
C ALA A 17 -37.25 1.38 -13.03
N TRP A 18 -37.63 1.56 -14.28
CA TRP A 18 -37.38 2.81 -15.00
C TRP A 18 -38.00 4.02 -14.28
N GLU A 19 -39.20 3.83 -13.75
CA GLU A 19 -39.88 4.89 -12.99
C GLU A 19 -39.10 5.25 -11.73
N ALA A 20 -38.56 4.25 -11.04
CA ALA A 20 -37.70 4.48 -9.88
C ALA A 20 -36.43 5.23 -10.26
N LEU A 21 -35.82 4.86 -11.38
CA LEU A 21 -34.58 5.48 -11.83
C LEU A 21 -34.72 6.98 -12.09
N GLU A 22 -35.81 7.38 -12.73
CA GLU A 22 -36.06 8.80 -13.02
C GLU A 22 -36.21 9.63 -11.76
N LYS A 23 -36.79 9.04 -10.72
CA LYS A 23 -36.93 9.72 -9.42
C LYS A 23 -35.58 9.97 -8.73
N SER A 24 -34.57 9.16 -9.06
CA SER A 24 -33.25 9.28 -8.43
C SER A 24 -32.39 10.38 -9.05
N ILE A 25 -32.85 10.96 -10.16
CA ILE A 25 -32.09 12.01 -10.86
C ILE A 25 -31.82 13.20 -9.92
N LEU A 26 -30.56 13.63 -9.91
CA LEU A 26 -30.10 14.75 -9.10
C LEU A 26 -29.95 15.98 -9.98
N TYR A 27 -30.48 17.11 -9.51
CA TYR A 27 -30.48 18.35 -10.28
C TYR A 27 -29.56 19.41 -9.69
N TYR A 28 -28.91 20.16 -10.57
CA TYR A 28 -27.99 21.23 -10.19
C TYR A 28 -28.18 22.39 -11.17
N LYS A 29 -28.61 23.54 -10.65
CA LYS A 29 -28.93 24.72 -11.47
C LYS A 29 -30.03 24.40 -12.48
N GLY A 30 -30.98 23.56 -12.09
CA GLY A 30 -32.06 23.13 -12.99
C GLY A 30 -31.71 22.04 -13.98
N ARG A 31 -30.41 21.72 -14.08
CA ARG A 31 -29.93 20.67 -14.99
C ARG A 31 -29.72 19.35 -14.25
N PRO A 32 -29.97 18.22 -14.93
CA PRO A 32 -29.64 16.93 -14.33
C PRO A 32 -28.13 16.70 -14.39
N VAL A 33 -27.52 16.38 -13.25
CA VAL A 33 -26.06 16.17 -13.18
C VAL A 33 -25.63 14.80 -12.69
N GLY A 34 -26.59 13.93 -12.39
CA GLY A 34 -26.31 12.58 -11.90
C GLY A 34 -27.53 11.93 -11.29
N THR A 35 -27.32 10.79 -10.63
CA THR A 35 -28.37 10.15 -9.83
C THR A 35 -27.88 9.98 -8.40
N VAL A 36 -28.81 10.05 -7.44
CA VAL A 36 -28.46 9.80 -6.05
C VAL A 36 -28.24 8.31 -5.81
N ALA A 37 -27.55 7.98 -4.72
CA ALA A 37 -27.22 6.60 -4.38
C ALA A 37 -28.46 5.78 -4.03
N ALA A 38 -29.38 6.40 -3.30
CA ALA A 38 -30.64 5.76 -2.92
C ALA A 38 -31.70 6.81 -2.66
N PHE A 39 -32.80 6.74 -3.42
CA PHE A 39 -33.85 7.75 -3.29
C PHE A 39 -34.65 7.56 -2.01
N ASP A 40 -34.88 8.67 -1.32
CA ASP A 40 -35.66 8.68 -0.08
C ASP A 40 -36.62 9.87 -0.11
N ASN A 47 -27.30 11.19 1.23
CA ASN A 47 -28.31 12.25 1.27
C ASN A 47 -29.06 12.42 -0.04
N TYR A 48 -30.14 13.20 0.04
CA TYR A 48 -31.01 13.52 -1.08
C TYR A 48 -30.32 14.32 -2.19
N ASP A 49 -29.16 14.89 -1.87
CA ASP A 49 -28.41 15.74 -2.79
C ASP A 49 -27.02 15.19 -3.13
N GLN A 50 -26.86 13.87 -3.10
CA GLN A 50 -25.53 13.24 -3.21
C GLN A 50 -25.43 12.23 -4.36
N CYS A 51 -24.37 12.33 -5.15
CA CYS A 51 -24.12 11.42 -6.28
C CYS A 51 -22.74 10.77 -6.21
N PHE A 52 -22.71 9.43 -6.25
CA PHE A 52 -21.45 8.67 -6.27
C PHE A 52 -21.05 8.30 -7.69
N VAL A 53 -19.77 8.50 -8.01
CA VAL A 53 -19.25 8.23 -9.35
C VAL A 53 -19.44 6.76 -9.73
N ARG A 54 -19.00 5.84 -8.89
CA ARG A 54 -19.12 4.41 -9.21
C ARG A 54 -20.58 4.00 -9.40
N ASP A 55 -21.47 4.53 -8.55
CA ASP A 55 -22.90 4.25 -8.65
C ASP A 55 -23.50 4.78 -9.97
N PHE A 56 -23.04 5.95 -10.40
CA PHE A 56 -23.61 6.61 -11.57
C PHE A 56 -23.34 5.85 -12.88
N VAL A 57 -22.32 5.00 -12.89
CA VAL A 57 -21.94 4.26 -14.09
C VAL A 57 -23.13 3.54 -14.71
N SER A 58 -23.82 2.71 -13.92
CA SER A 58 -24.97 1.96 -14.41
C SER A 58 -26.08 2.89 -14.91
N SER A 59 -26.36 3.94 -14.13
CA SER A 59 -27.35 4.95 -14.53
C SER A 59 -26.96 5.60 -15.86
N ALA A 60 -25.70 6.05 -15.94
CA ALA A 60 -25.16 6.71 -17.12
C ALA A 60 -25.32 5.86 -18.36
N LEU A 61 -24.92 4.60 -18.27
CA LEU A 61 -25.00 3.67 -19.40
C LEU A 61 -26.44 3.50 -19.89
N ILE A 62 -27.38 3.34 -18.97
CA ILE A 62 -28.81 3.26 -19.33
C ILE A 62 -29.27 4.53 -20.02
N PHE A 63 -28.93 5.69 -19.45
CA PHE A 63 -29.31 6.97 -20.05
C PHE A 63 -28.74 7.12 -21.46
N LEU A 64 -27.49 6.73 -21.65
CA LEU A 64 -26.85 6.76 -22.98
C LEU A 64 -27.56 5.84 -23.98
N ILE A 65 -27.96 4.66 -23.52
CA ILE A 65 -28.69 3.72 -24.35
C ILE A 65 -30.04 4.30 -24.80
N LYS A 66 -30.69 5.05 -23.92
CA LYS A 66 -31.99 5.68 -24.22
C LYS A 66 -31.87 7.07 -24.87
N GLY A 67 -30.67 7.45 -25.28
CA GLY A 67 -30.45 8.71 -25.98
C GLY A 67 -30.48 9.95 -25.10
N LYS A 68 -30.48 9.76 -23.79
CA LYS A 68 -30.46 10.87 -22.84
C LYS A 68 -29.03 11.16 -22.42
N THR A 69 -28.30 11.83 -23.31
CA THR A 69 -26.86 12.00 -23.16
C THR A 69 -26.47 13.22 -22.33
N ASP A 70 -27.37 14.20 -22.24
CA ASP A 70 -27.05 15.48 -21.58
C ASP A 70 -26.69 15.32 -20.11
N ILE A 71 -27.44 14.50 -19.38
CA ILE A 71 -27.14 14.24 -17.96
C ILE A 71 -25.72 13.69 -17.77
N VAL A 72 -25.29 12.83 -18.68
CA VAL A 72 -23.95 12.23 -18.63
C VAL A 72 -22.90 13.30 -18.95
N ARG A 73 -23.15 14.12 -19.96
CA ARG A 73 -22.27 15.23 -20.30
C ARG A 73 -22.09 16.16 -19.11
N ASN A 74 -23.21 16.53 -18.49
CA ASN A 74 -23.20 17.42 -17.31
C ASN A 74 -22.41 16.83 -16.15
N PHE A 75 -22.62 15.54 -15.89
CA PHE A 75 -21.87 14.83 -14.86
C PHE A 75 -20.36 14.91 -15.12
N LEU A 76 -19.97 14.60 -16.37
CA LEU A 76 -18.55 14.60 -16.74
C LEU A 76 -17.91 15.97 -16.62
N GLU A 77 -18.63 17.00 -17.05
CA GLU A 77 -18.14 18.38 -16.98
C GLU A 77 -17.94 18.85 -15.54
N GLU A 78 -18.92 18.58 -14.68
CA GLU A 78 -18.87 19.05 -13.30
C GLU A 78 -17.84 18.27 -12.48
N THR A 79 -17.80 16.95 -12.63
CA THR A 79 -16.80 16.14 -11.91
C THR A 79 -15.37 16.50 -12.35
N LEU A 80 -15.19 16.82 -13.63
CA LEU A 80 -13.88 17.26 -14.12
C LEU A 80 -13.39 18.51 -13.37
N LYS A 81 -14.31 19.42 -13.09
CA LYS A 81 -13.99 20.66 -12.37
C LYS A 81 -13.59 20.42 -10.91
N LEU A 82 -14.07 19.31 -10.34
CA LEU A 82 -13.77 18.96 -8.94
C LEU A 82 -12.41 18.28 -8.80
N GLN A 83 -11.85 17.82 -9.91
CA GLN A 83 -10.53 17.18 -9.91
C GLN A 83 -9.44 18.15 -9.47
N PRO A 84 -8.58 17.74 -8.51
CA PRO A 84 -7.42 18.59 -8.19
C PRO A 84 -6.44 18.63 -9.36
N LYS A 85 -6.04 19.84 -9.74
CA LYS A 85 -5.18 20.04 -10.91
C LYS A 85 -3.70 20.13 -10.55
N ASP A 86 -3.41 20.45 -9.30
CA ASP A 86 -2.04 20.68 -8.86
C ASP A 86 -1.56 19.65 -7.85
N ARG A 87 -0.23 19.53 -7.76
CA ARG A 87 0.42 18.66 -6.78
C ARG A 87 0.00 19.04 -5.37
N GLN A 88 -0.25 18.04 -4.52
CA GLN A 88 -0.68 18.27 -3.16
C GLN A 88 0.32 17.69 -2.17
N LEU A 89 0.97 18.58 -1.41
CA LEU A 89 1.98 18.20 -0.43
C LEU A 89 1.48 18.22 1.02
N ASP A 90 0.25 18.71 1.23
CA ASP A 90 -0.32 18.77 2.58
C ASP A 90 -1.17 17.53 2.88
N ALA A 91 -1.20 17.16 4.16
CA ALA A 91 -2.00 16.03 4.63
C ALA A 91 -3.48 16.38 4.60
N TYR A 92 -4.33 15.35 4.51
CA TYR A 92 -5.79 15.49 4.52
C TYR A 92 -6.35 16.26 3.33
N LYS A 93 -5.62 16.25 2.22
CA LYS A 93 -6.06 16.88 0.97
C LYS A 93 -5.87 15.87 -0.16
N PRO A 94 -6.76 15.88 -1.16
CA PRO A 94 -6.72 14.84 -2.19
C PRO A 94 -5.54 14.97 -3.15
N GLY A 95 -5.03 13.82 -3.60
CA GLY A 95 -3.94 13.77 -4.55
C GLY A 95 -4.28 14.37 -5.90
N ARG A 96 -3.25 14.83 -6.60
CA ARG A 96 -3.41 15.45 -7.92
C ARG A 96 -4.06 14.50 -8.92
N GLY A 97 -5.09 15.00 -9.61
CA GLY A 97 -5.71 14.27 -10.71
C GLY A 97 -6.79 13.27 -10.32
N LEU A 98 -7.05 13.11 -9.02
CA LEU A 98 -8.06 12.15 -8.58
C LEU A 98 -9.46 12.70 -8.78
N ILE A 99 -10.41 11.77 -8.93
CA ILE A 99 -11.82 12.11 -9.08
C ILE A 99 -12.49 11.78 -7.75
N PRO A 100 -13.36 12.67 -7.25
CA PRO A 100 -13.97 12.39 -5.95
C PRO A 100 -14.86 11.15 -5.98
N ALA A 101 -15.04 10.52 -4.82
CA ALA A 101 -15.93 9.36 -4.71
C ALA A 101 -17.38 9.81 -4.94
N SER A 102 -17.70 10.99 -4.46
CA SER A 102 -19.03 11.55 -4.60
C SER A 102 -19.00 13.07 -4.53
N PHE A 103 -20.12 13.67 -4.94
CA PHE A 103 -20.32 15.10 -4.77
C PHE A 103 -21.76 15.33 -4.34
N LYS A 104 -22.01 16.48 -3.72
CA LYS A 104 -23.37 16.88 -3.37
C LYS A 104 -23.69 18.31 -3.74
N VAL A 105 -24.95 18.54 -4.08
CA VAL A 105 -25.45 19.87 -4.40
C VAL A 105 -25.74 20.59 -3.09
N VAL A 106 -24.99 21.65 -2.82
CA VAL A 106 -25.21 22.47 -1.65
C VAL A 106 -25.96 23.73 -2.07
N SER A 107 -27.18 23.86 -1.57
CA SER A 107 -28.04 24.99 -1.88
C SER A 107 -28.24 25.92 -0.69
N ASP A 108 -27.47 25.73 0.37
CA ASP A 108 -27.63 26.51 1.59
C ASP A 108 -27.42 28.01 1.34
N ASN A 109 -26.33 28.34 0.67
CA ASN A 109 -26.11 29.73 0.28
C ASN A 109 -27.09 30.03 -0.83
N GLY A 110 -27.44 31.30 -1.02
CA GLY A 110 -28.39 31.67 -2.05
C GLY A 110 -28.14 30.93 -3.36
N GLU A 111 -26.86 30.82 -3.73
CA GLU A 111 -26.48 30.17 -4.97
C GLU A 111 -26.00 28.74 -4.74
N GLU A 112 -26.57 27.81 -5.52
CA GLU A 112 -26.18 26.41 -5.47
C GLU A 112 -24.75 26.21 -5.95
N TYR A 113 -24.06 25.24 -5.34
CA TYR A 113 -22.74 24.83 -5.80
C TYR A 113 -22.50 23.36 -5.44
N LEU A 114 -21.46 22.79 -6.01
CA LEU A 114 -21.13 21.38 -5.77
C LEU A 114 -19.99 21.24 -4.76
N GLU A 115 -20.17 20.30 -3.83
CA GLU A 115 -19.19 20.00 -2.79
C GLU A 115 -18.70 18.57 -2.98
N ALA A 116 -17.39 18.43 -3.21
CA ALA A 116 -16.79 17.12 -3.50
C ALA A 116 -16.37 16.40 -2.23
N ASP A 117 -16.46 15.07 -2.25
CA ASP A 117 -15.96 14.22 -1.18
C ASP A 117 -14.89 13.29 -1.72
N PHE A 118 -13.65 13.48 -1.25
CA PHE A 118 -12.53 12.61 -1.60
C PHE A 118 -12.17 11.66 -0.44
N GLY A 119 -13.08 11.55 0.53
CA GLY A 119 -12.83 10.75 1.73
C GLY A 119 -12.10 11.48 2.84
N GLU A 120 -12.02 12.81 2.75
CA GLU A 120 -11.26 13.63 3.71
C GLU A 120 -11.70 13.48 5.16
N HIS A 121 -12.97 13.19 5.37
CA HIS A 121 -13.52 13.01 6.71
C HIS A 121 -14.22 11.66 6.84
N ALA A 122 -13.83 10.73 5.96
CA ALA A 122 -14.32 9.36 6.03
C ALA A 122 -13.53 8.61 7.08
N ILE A 123 -14.11 7.52 7.60
CA ILE A 123 -13.45 6.69 8.61
C ILE A 123 -12.02 6.31 8.19
N ALA A 124 -11.84 6.01 6.91
CA ALA A 124 -10.52 5.84 6.31
C ALA A 124 -10.23 7.04 5.41
N ARG A 125 -9.13 7.74 5.69
CA ARG A 125 -8.75 8.94 4.94
C ARG A 125 -8.05 8.56 3.64
N VAL A 126 -8.77 7.81 2.82
CA VAL A 126 -8.25 7.29 1.55
C VAL A 126 -9.22 7.70 0.46
N THR A 127 -8.68 8.25 -0.63
CA THR A 127 -9.46 8.57 -1.81
C THR A 127 -9.60 7.32 -2.66
N PRO A 128 -10.83 6.82 -2.84
CA PRO A 128 -10.99 5.61 -3.65
C PRO A 128 -10.43 5.79 -5.06
N VAL A 129 -9.73 4.77 -5.52
CA VAL A 129 -9.04 4.82 -6.81
C VAL A 129 -9.99 4.51 -7.96
N ASP A 130 -11.01 3.69 -7.70
CA ASP A 130 -11.90 3.25 -8.78
C ASP A 130 -12.65 4.41 -9.45
N SER A 131 -12.99 5.45 -8.69
CA SER A 131 -13.77 6.57 -9.23
C SER A 131 -13.15 7.21 -10.47
N CYS A 132 -11.86 7.53 -10.41
CA CYS A 132 -11.18 8.15 -11.56
C CYS A 132 -11.10 7.23 -12.76
N LEU A 133 -11.01 5.92 -12.52
CA LEU A 133 -10.94 4.95 -13.62
C LEU A 133 -12.30 4.77 -14.28
N TRP A 134 -13.36 4.70 -13.48
CA TRP A 134 -14.72 4.70 -14.01
C TRP A 134 -15.01 5.99 -14.79
N TRP A 135 -14.47 7.11 -14.33
CA TRP A 135 -14.70 8.41 -14.96
C TRP A 135 -14.22 8.41 -16.41
N ILE A 136 -13.03 7.85 -16.63
CA ILE A 136 -12.47 7.70 -17.97
C ILE A 136 -13.34 6.79 -18.84
N LEU A 137 -13.80 5.68 -18.28
CA LEU A 137 -14.68 4.76 -19.02
C LEU A 137 -16.02 5.41 -19.36
N LEU A 138 -16.54 6.25 -18.47
CA LEU A 138 -17.78 6.98 -18.75
C LEU A 138 -17.60 8.06 -19.80
N LEU A 139 -16.42 8.68 -19.84
CA LEU A 139 -16.12 9.66 -20.87
C LEU A 139 -16.11 8.99 -22.24
N ARG A 140 -15.46 7.83 -22.33
CA ARG A 140 -15.44 7.08 -23.59
C ARG A 140 -16.85 6.63 -23.98
N ALA A 141 -17.60 6.15 -22.99
CA ALA A 141 -18.99 5.73 -23.23
C ALA A 141 -19.79 6.88 -23.85
N TYR A 142 -19.62 8.07 -23.30
CA TYR A 142 -20.33 9.25 -23.81
C TYR A 142 -19.99 9.57 -25.26
N VAL A 143 -18.70 9.60 -25.58
CA VAL A 143 -18.27 9.95 -26.95
C VAL A 143 -18.60 8.85 -27.96
N VAL A 144 -18.61 7.59 -27.51
CA VAL A 144 -19.05 6.48 -28.35
C VAL A 144 -20.56 6.56 -28.60
N ALA A 145 -21.32 6.82 -27.55
CA ALA A 145 -22.77 6.96 -27.66
C ALA A 145 -23.15 8.15 -28.55
N SER A 146 -22.36 9.22 -28.45
CA SER A 146 -22.58 10.44 -29.21
C SER A 146 -22.00 10.38 -30.63
N LYS A 147 -21.18 9.37 -30.90
CA LYS A 147 -20.43 9.26 -32.16
C LYS A 147 -19.68 10.55 -32.45
N ASP A 148 -19.08 11.10 -31.40
CA ASP A 148 -18.40 12.38 -31.47
C ASP A 148 -17.43 12.51 -30.30
N PHE A 149 -16.15 12.63 -30.62
CA PHE A 149 -15.09 12.73 -29.59
C PHE A 149 -14.81 14.17 -29.18
N SER A 150 -15.60 15.11 -29.68
CA SER A 150 -15.38 16.55 -29.44
C SER A 150 -15.22 16.88 -27.96
N LEU A 151 -16.11 16.34 -27.13
CA LEU A 151 -16.05 16.60 -25.68
C LEU A 151 -14.72 16.15 -25.09
N ALA A 152 -14.28 14.96 -25.46
CA ALA A 152 -13.01 14.41 -24.96
C ALA A 152 -11.80 15.19 -25.48
N TYR A 153 -11.94 15.77 -26.67
CA TYR A 153 -10.84 16.53 -27.29
C TYR A 153 -10.67 17.96 -26.76
N GLN A 154 -11.62 18.45 -25.96
CA GLN A 154 -11.46 19.75 -25.32
C GLN A 154 -10.24 19.72 -24.38
N PRO A 155 -9.41 20.78 -24.41
CA PRO A 155 -8.16 20.77 -23.63
C PRO A 155 -8.33 20.43 -22.15
N GLU A 156 -9.42 20.87 -21.54
CA GLU A 156 -9.68 20.57 -20.13
C GLU A 156 -9.90 19.06 -19.90
N PHE A 157 -10.50 18.38 -20.87
CA PHE A 157 -10.76 16.94 -20.76
C PHE A 157 -9.49 16.13 -21.07
N GLN A 158 -8.72 16.59 -22.05
CA GLN A 158 -7.40 16.01 -22.33
C GLN A 158 -6.50 16.08 -21.10
N THR A 159 -6.55 17.20 -20.40
CA THR A 159 -5.80 17.37 -19.16
C THR A 159 -6.33 16.43 -18.07
N GLY A 160 -7.65 16.35 -17.95
CA GLY A 160 -8.28 15.46 -16.97
C GLY A 160 -7.84 14.01 -17.13
N ILE A 161 -7.84 13.53 -18.37
CA ILE A 161 -7.40 12.17 -18.68
C ILE A 161 -5.92 11.99 -18.36
N ARG A 162 -5.10 12.96 -18.78
CA ARG A 162 -3.65 12.90 -18.58
C ARG A 162 -3.28 12.82 -17.10
N LEU A 163 -3.92 13.65 -16.28
CA LEU A 163 -3.63 13.70 -14.84
C LEU A 163 -3.93 12.36 -14.16
N ILE A 164 -5.04 11.74 -14.56
CA ILE A 164 -5.44 10.43 -14.01
C ILE A 164 -4.39 9.37 -14.38
N GLU A 166 -1.27 9.84 -15.27
CA GLU A 166 0.01 10.16 -14.62
C GLU A 166 0.11 9.62 -13.19
N ILE A 167 -0.92 9.87 -12.38
CA ILE A 167 -0.92 9.38 -10.99
C ILE A 167 -0.96 7.85 -10.92
N CYS A 168 -1.68 7.22 -11.83
CA CYS A 168 -1.78 5.76 -11.86
C CYS A 168 -0.52 5.08 -12.43
N LEU A 169 0.07 5.68 -13.45
CA LEU A 169 1.25 5.11 -14.12
C LEU A 169 2.51 5.28 -13.28
N ALA A 170 2.64 6.44 -12.64
CA ALA A 170 3.89 6.84 -11.97
C ALA A 170 4.25 5.91 -10.83
N ASN A 171 5.45 5.37 -10.90
CA ASN A 171 5.99 4.53 -9.83
C ASN A 171 6.38 5.38 -8.64
N ARG A 172 6.02 4.89 -7.47
CA ARG A 172 6.43 5.50 -6.21
C ARG A 172 7.53 4.61 -5.65
N PHE A 173 7.17 3.60 -4.85
CA PHE A 173 8.13 2.65 -4.29
C PHE A 173 7.99 1.29 -4.98
N ASP A 174 6.76 0.94 -5.31
CA ASP A 174 6.41 -0.30 -6.00
C ASP A 174 6.61 -0.10 -7.51
N TYR A 176 6.08 -2.66 -9.97
CA TYR A 176 5.30 -3.57 -10.80
C TYR A 176 4.41 -2.79 -11.76
N PRO A 177 4.05 -3.39 -12.91
CA PRO A 177 3.14 -2.75 -13.86
C PRO A 177 1.74 -2.48 -13.27
N THR A 178 1.40 -3.24 -12.23
CA THR A 178 0.15 -3.05 -11.50
C THR A 178 0.16 -1.77 -10.67
N LEU A 179 -1.02 -1.42 -10.17
CA LEU A 179 -1.22 -0.22 -9.37
C LEU A 179 -1.22 -0.58 -7.88
N LEU A 180 -0.29 0.00 -7.13
CA LEU A 180 -0.19 -0.23 -5.69
C LEU A 180 -1.15 0.69 -4.95
N VAL A 181 -1.97 0.11 -4.06
CA VAL A 181 -2.98 0.87 -3.32
C VAL A 181 -3.10 0.45 -1.86
N PRO A 182 -3.64 1.33 -1.00
CA PRO A 182 -4.00 0.92 0.35
C PRO A 182 -5.25 0.05 0.34
N ASP A 183 -5.59 -0.50 1.49
CA ASP A 183 -6.79 -1.32 1.63
C ASP A 183 -8.02 -0.45 1.41
N GLY A 184 -9.15 -1.08 1.12
CA GLY A 184 -10.43 -0.38 0.96
C GLY A 184 -10.41 0.81 0.03
N ALA A 185 -9.80 0.65 -1.14
CA ALA A 185 -9.59 1.76 -2.07
C ALA A 185 -10.45 1.68 -3.34
N CYS A 186 -11.53 0.91 -3.29
CA CYS A 186 -12.42 0.76 -4.44
C CYS A 186 -13.88 0.55 -3.99
N ILE A 188 -15.08 -1.93 -2.63
CA ILE A 188 -14.84 -2.37 -1.26
C ILE A 188 -14.05 -1.27 -0.58
N ASP A 189 -14.66 -0.58 0.38
CA ASP A 189 -14.03 0.58 1.03
C ASP A 189 -13.79 0.40 2.53
N ARG A 190 -13.76 -0.84 3.00
CA ARG A 190 -13.35 -1.17 4.35
C ARG A 190 -12.19 -2.17 4.29
N ARG A 191 -11.67 -2.55 5.46
CA ARG A 191 -10.51 -3.43 5.52
C ARG A 191 -10.86 -4.88 5.18
N LEU A 192 -10.52 -5.30 3.96
CA LEU A 192 -10.81 -6.67 3.51
C LEU A 192 -9.60 -7.40 2.93
N GLY A 193 -8.41 -6.89 3.22
CA GLY A 193 -7.18 -7.51 2.72
C GLY A 193 -6.98 -7.28 1.24
N ILE A 194 -7.47 -6.15 0.74
CA ILE A 194 -7.31 -5.81 -0.68
C ILE A 194 -6.34 -4.64 -0.88
N TYR A 195 -5.44 -4.44 0.09
CA TYR A 195 -4.27 -3.61 -0.11
C TYR A 195 -3.36 -4.30 -1.13
N GLY A 196 -2.40 -3.55 -1.67
CA GLY A 196 -1.41 -4.12 -2.59
C GLY A 196 -1.85 -3.98 -4.04
N HIS A 197 -2.05 -5.11 -4.70
CA HIS A 197 -2.43 -5.14 -6.12
C HIS A 197 -3.77 -5.84 -6.36
N PRO A 198 -4.86 -5.35 -5.72
CA PRO A 198 -6.17 -5.98 -5.85
C PRO A 198 -6.69 -6.01 -7.28
N LEU A 199 -7.28 -7.13 -7.66
CA LEU A 199 -7.73 -7.35 -9.03
C LEU A 199 -8.63 -6.24 -9.56
N GLU A 200 -9.61 -5.83 -8.78
CA GLU A 200 -10.58 -4.81 -9.21
C GLU A 200 -9.86 -3.63 -9.84
N LEU A 201 -8.90 -3.08 -9.13
CA LEU A 201 -8.20 -1.90 -9.59
C LEU A 201 -7.23 -2.17 -10.75
N GLN A 202 -6.67 -3.37 -10.82
CA GLN A 202 -5.80 -3.72 -11.95
C GLN A 202 -6.60 -3.81 -13.26
N VAL A 203 -7.78 -4.40 -13.16
CA VAL A 203 -8.66 -4.57 -14.31
C VAL A 203 -9.23 -3.22 -14.78
N LEU A 204 -9.65 -2.39 -13.83
CA LEU A 204 -10.18 -1.07 -14.16
C LEU A 204 -9.06 -0.14 -14.69
N PHE A 205 -7.87 -0.30 -14.14
CA PHE A 205 -6.68 0.40 -14.63
C PHE A 205 -6.41 0.00 -16.08
N TYR A 206 -6.42 -1.31 -16.35
CA TYR A 206 -6.24 -1.81 -17.73
C TYR A 206 -7.32 -1.25 -18.67
N ALA A 207 -8.56 -1.31 -18.23
CA ALA A 207 -9.69 -0.79 -19.02
C ALA A 207 -9.55 0.70 -19.30
N ALA A 208 -9.16 1.47 -18.28
CA ALA A 208 -8.98 2.91 -18.41
C ALA A 208 -7.80 3.25 -19.32
N LEU A 209 -6.73 2.46 -19.26
CA LEU A 209 -5.58 2.60 -20.16
C LEU A 209 -6.00 2.51 -21.63
N ARG A 210 -6.82 1.50 -21.94
CA ARG A 210 -7.35 1.31 -23.30
C ARG A 210 -8.15 2.51 -23.76
N ALA A 211 -9.05 2.98 -22.89
CA ALA A 211 -9.92 4.13 -23.20
C ALA A 211 -9.10 5.41 -23.38
N ALA A 212 -8.15 5.62 -22.47
CA ALA A 212 -7.28 6.79 -22.51
C ALA A 212 -6.48 6.85 -23.81
N ARG A 213 -5.92 5.71 -24.22
CA ARG A 213 -5.18 5.60 -25.47
C ARG A 213 -6.06 5.97 -26.67
N GLU A 214 -7.33 5.58 -26.61
CA GLU A 214 -8.30 5.87 -27.66
C GLU A 214 -8.69 7.35 -27.75
N LEU A 216 -6.79 10.20 -26.13
CA LEU A 216 -5.73 11.20 -25.95
C LEU A 216 -5.10 11.57 -27.30
N ILE A 217 -4.98 12.87 -27.53
CA ILE A 217 -4.25 13.40 -28.69
C ILE A 217 -2.75 13.34 -28.41
N CYS A 218 -1.99 12.72 -29.31
CA CYS A 218 -0.57 12.46 -29.06
C CYS A 218 0.27 13.73 -28.99
N GLN A 219 -0.02 14.70 -29.85
CA GLN A 219 0.69 15.98 -29.85
C GLN A 219 0.42 16.74 -28.55
N GLY A 220 1.48 17.07 -27.83
CA GLY A 220 1.38 17.69 -26.50
C GLY A 220 1.16 16.70 -25.37
N ASN A 221 1.05 15.42 -25.70
CA ASN A 221 0.90 14.34 -24.73
C ASN A 221 1.81 13.15 -25.04
N GLN A 222 2.98 13.41 -25.63
CA GLN A 222 3.86 12.35 -26.12
C GLN A 222 4.30 11.38 -25.03
N ASP A 223 4.75 11.91 -23.89
CA ASP A 223 5.29 11.10 -22.80
C ASP A 223 4.24 10.16 -22.21
N VAL A 224 3.05 10.68 -21.93
CA VAL A 224 1.97 9.89 -21.33
C VAL A 224 1.43 8.86 -22.31
N VAL A 225 1.26 9.26 -23.57
CA VAL A 225 0.80 8.33 -24.62
C VAL A 225 1.81 7.19 -24.83
N GLU A 226 3.10 7.52 -24.79
CA GLU A 226 4.16 6.49 -24.86
C GLU A 226 4.08 5.52 -23.70
N ALA A 227 3.95 6.06 -22.49
CA ALA A 227 3.88 5.25 -21.28
C ALA A 227 2.67 4.33 -21.30
N ILE A 228 1.53 4.86 -21.75
CA ILE A 228 0.31 4.06 -21.91
C ILE A 228 0.54 2.91 -22.88
N ASP A 229 1.17 3.21 -24.02
CA ASP A 229 1.43 2.21 -25.05
C ASP A 229 2.34 1.08 -24.57
N ASN A 230 3.31 1.41 -23.71
CA ASN A 230 4.20 0.40 -23.17
C ASN A 230 3.57 -0.35 -22.00
N ARG A 231 2.79 0.34 -21.19
CA ARG A 231 2.17 -0.28 -20.01
C ARG A 231 1.10 -1.30 -20.39
N LEU A 232 0.33 -1.01 -21.43
CA LEU A 232 -0.79 -1.86 -21.84
C LEU A 232 -0.43 -3.34 -22.03
N PRO A 233 0.48 -3.64 -22.98
CA PRO A 233 0.82 -5.05 -23.21
C PRO A 233 1.52 -5.70 -22.02
N LEU A 234 2.33 -4.92 -21.32
CA LEU A 234 3.02 -5.41 -20.13
C LEU A 234 2.02 -5.82 -19.05
N LEU A 235 1.08 -4.92 -18.76
CA LEU A 235 0.06 -5.19 -17.74
C LEU A 235 -0.84 -6.35 -18.16
N CYS A 236 -1.20 -6.39 -19.45
CA CYS A 236 -1.99 -7.48 -20.00
C CYS A 236 -1.32 -8.84 -19.78
N ALA A 237 -0.03 -8.93 -20.14
CA ALA A 237 0.75 -10.15 -19.95
C ALA A 237 0.92 -10.49 -18.48
N HIS A 238 1.19 -9.48 -17.67
CA HIS A 238 1.36 -9.64 -16.23
C HIS A 238 0.15 -10.30 -15.59
N ILE A 239 -1.03 -9.74 -15.84
CA ILE A 239 -2.27 -10.25 -15.25
C ILE A 239 -2.59 -11.66 -15.78
N ARG A 240 -2.47 -11.85 -17.08
CA ARG A 240 -2.76 -13.16 -17.68
C ARG A 240 -1.86 -14.26 -17.14
N GLN A 241 -0.59 -13.95 -16.90
CA GLN A 241 0.36 -14.94 -16.40
C GLN A 241 0.21 -15.15 -14.89
N HIS A 242 0.35 -14.07 -14.13
CA HIS A 242 0.55 -14.17 -12.68
C HIS A 242 -0.72 -14.24 -11.85
N TYR A 243 -1.83 -13.73 -12.39
CA TYR A 243 -3.11 -13.75 -11.66
C TYR A 243 -3.96 -14.99 -11.97
N TRP A 244 -3.64 -15.72 -13.05
CA TRP A 244 -4.48 -16.82 -13.48
C TRP A 244 -4.42 -18.03 -12.55
N ILE A 245 -5.57 -18.45 -12.07
CA ILE A 245 -5.70 -19.64 -11.23
C ILE A 245 -6.53 -20.70 -11.96
N ASP A 246 -5.90 -21.85 -12.18
CA ASP A 246 -6.63 -23.06 -12.57
C ASP A 246 -5.91 -24.26 -11.97
N ILE A 247 -6.42 -25.47 -12.24
CA ILE A 247 -5.80 -26.68 -11.70
C ILE A 247 -4.32 -26.78 -12.08
N ASN A 248 -3.99 -26.41 -13.32
CA ASN A 248 -2.61 -26.44 -13.79
C ASN A 248 -1.70 -25.49 -13.00
N ARG A 249 -2.19 -24.29 -12.72
CA ARG A 249 -1.43 -23.32 -11.92
C ARG A 249 -1.15 -23.83 -10.50
N LEU A 250 -2.16 -24.45 -9.88
CA LEU A 250 -1.98 -25.03 -8.55
C LEU A 250 -0.84 -26.05 -8.53
N ASN A 251 -0.79 -26.88 -9.59
CA ASN A 251 0.28 -27.87 -9.72
C ASN A 251 1.65 -27.21 -9.87
N ALA A 252 1.70 -26.13 -10.64
CA ALA A 252 2.94 -25.36 -10.84
C ALA A 252 3.44 -24.72 -9.55
N ILE A 253 2.53 -24.12 -8.79
CA ILE A 253 2.90 -23.55 -7.49
C ILE A 253 3.39 -24.65 -6.54
N TYR A 254 2.67 -25.76 -6.51
CA TYR A 254 3.04 -26.90 -5.65
C TYR A 254 4.41 -27.48 -5.99
N ARG A 255 4.71 -27.55 -7.29
CA ARG A 255 5.98 -28.05 -7.79
C ARG A 255 6.94 -26.91 -8.05
N PHE A 256 7.19 -26.09 -7.02
CA PHE A 256 8.02 -24.89 -7.13
C PHE A 256 7.30 -23.78 -7.88
N VAL A 266 13.86 -17.63 -11.80
CA VAL A 266 12.78 -18.45 -12.36
C VAL A 266 11.50 -17.61 -12.57
N ASN A 267 10.66 -17.54 -11.55
CA ASN A 267 9.39 -16.81 -11.63
C ASN A 267 9.51 -15.40 -11.09
N LEU A 268 8.57 -14.55 -11.46
CA LEU A 268 8.55 -13.16 -10.99
C LEU A 268 8.27 -13.11 -9.50
N PHE A 269 7.23 -13.84 -9.07
CA PHE A 269 6.84 -13.90 -7.67
C PHE A 269 7.19 -15.24 -7.04
N ASN A 270 7.80 -15.20 -5.86
CA ASN A 270 7.92 -16.39 -5.03
C ASN A 270 6.59 -16.57 -4.29
N ILE A 271 5.83 -17.58 -4.72
CA ILE A 271 4.57 -17.94 -4.06
C ILE A 271 4.76 -19.32 -3.44
N TYR A 272 4.50 -19.42 -2.15
CA TYR A 272 4.72 -20.67 -1.42
C TYR A 272 3.39 -21.40 -1.21
N VAL A 273 3.36 -22.67 -1.60
CA VAL A 273 2.11 -23.43 -1.69
C VAL A 273 1.41 -23.61 -0.33
N ASP A 274 2.19 -23.63 0.75
CA ASP A 274 1.62 -23.75 2.10
C ASP A 274 0.70 -22.56 2.45
N SER A 275 0.89 -21.43 1.78
CA SER A 275 0.09 -20.23 2.04
C SER A 275 -1.31 -20.26 1.44
N ILE A 276 -1.58 -21.20 0.53
CA ILE A 276 -2.88 -21.26 -0.16
C ILE A 276 -3.67 -22.54 0.15
N PRO A 277 -5.00 -22.49 0.07
CA PRO A 277 -5.85 -23.65 0.36
C PRO A 277 -6.02 -24.54 -0.87
N TYR A 278 -4.94 -25.23 -1.26
CA TYR A 278 -4.88 -25.84 -2.59
C TYR A 278 -5.73 -27.10 -2.81
N TYR A 279 -5.98 -27.87 -1.75
CA TYR A 279 -6.90 -29.01 -1.85
C TYR A 279 -8.35 -28.54 -1.94
N GLU A 280 -8.68 -27.49 -1.19
CA GLU A 280 -10.01 -26.89 -1.25
C GLU A 280 -10.26 -26.27 -2.63
N LEU A 281 -9.23 -25.63 -3.18
CA LEU A 281 -9.32 -25.02 -4.51
C LEU A 281 -9.47 -26.07 -5.60
N ASP A 282 -8.63 -27.10 -5.56
CA ASP A 282 -8.71 -28.19 -6.52
C ASP A 282 -10.10 -28.83 -6.56
N LYS A 283 -10.69 -29.00 -5.38
CA LYS A 283 -12.05 -29.53 -5.24
C LYS A 283 -13.09 -28.56 -5.81
N TRP A 284 -12.89 -27.27 -5.54
CA TRP A 284 -13.82 -26.22 -5.97
C TRP A 284 -13.77 -25.98 -7.49
N LEU A 285 -12.57 -26.01 -8.05
CA LEU A 285 -12.39 -25.75 -9.48
C LEU A 285 -12.92 -26.90 -10.33
N PRO A 286 -13.82 -26.61 -11.29
CA PRO A 286 -14.13 -27.59 -12.33
C PRO A 286 -12.93 -27.84 -13.23
N LYS A 287 -12.92 -28.98 -13.93
CA LYS A 287 -11.78 -29.36 -14.79
C LYS A 287 -11.38 -28.25 -15.76
N LYS A 288 -12.38 -27.64 -16.41
CA LYS A 288 -12.15 -26.56 -17.38
C LYS A 288 -12.50 -25.19 -16.79
N GLY A 289 -12.47 -25.08 -15.47
CA GLY A 289 -12.75 -23.84 -14.78
C GLY A 289 -11.46 -23.10 -14.42
N GLY A 290 -11.61 -21.82 -14.11
CA GLY A 290 -10.47 -21.00 -13.71
C GLY A 290 -10.91 -19.56 -13.49
N TYR A 291 -10.03 -18.75 -12.91
CA TYR A 291 -10.33 -17.36 -12.62
C TYR A 291 -9.06 -16.56 -12.33
N LEU A 292 -9.19 -15.24 -12.37
CA LEU A 292 -8.11 -14.35 -12.03
C LEU A 292 -8.13 -14.11 -10.53
N ALA A 293 -6.95 -14.23 -9.90
CA ALA A 293 -6.79 -14.10 -8.45
C ALA A 293 -7.17 -12.71 -7.95
N GLY A 294 -7.46 -12.62 -6.66
CA GLY A 294 -7.82 -11.37 -6.02
C GLY A 294 -6.65 -10.42 -5.84
N ASN A 295 -5.44 -10.98 -5.79
CA ASN A 295 -4.24 -10.20 -5.49
C ASN A 295 -3.00 -11.04 -5.73
N VAL A 296 -1.95 -10.41 -6.25
CA VAL A 296 -0.65 -11.06 -6.37
C VAL A 296 0.43 -10.06 -5.96
N GLY A 297 1.37 -10.54 -5.15
CA GLY A 297 2.53 -9.76 -4.73
C GLY A 297 3.61 -10.70 -4.23
N PRO A 298 4.74 -10.15 -3.78
CA PRO A 298 5.79 -11.00 -3.23
C PRO A 298 5.25 -11.84 -2.07
N SER A 299 5.43 -13.16 -2.15
CA SER A 299 4.92 -14.08 -1.14
C SER A 299 3.44 -13.87 -0.84
N GLN A 300 2.65 -13.54 -1.85
CA GLN A 300 1.24 -13.25 -1.68
C GLN A 300 0.40 -13.63 -2.89
N LEU A 301 -0.50 -14.60 -2.69
CA LEU A 301 -1.53 -14.92 -3.67
C LEU A 301 -2.87 -15.03 -2.95
N ASP A 302 -3.75 -14.07 -3.21
CA ASP A 302 -5.11 -14.09 -2.70
C ASP A 302 -5.95 -14.92 -3.66
N THR A 303 -6.35 -16.12 -3.23
CA THR A 303 -7.09 -17.03 -4.10
C THR A 303 -8.60 -16.84 -4.06
N ARG A 304 -9.08 -15.84 -3.33
CA ARG A 304 -10.49 -15.48 -3.40
C ARG A 304 -10.86 -15.10 -4.83
N PHE A 305 -12.07 -15.49 -5.22
CA PHE A 305 -12.68 -15.07 -6.47
C PHE A 305 -13.36 -13.73 -6.23
N PHE A 306 -12.96 -12.71 -6.99
CA PHE A 306 -13.60 -11.40 -6.95
C PHE A 306 -14.37 -11.18 -8.25
N ALA A 307 -15.67 -10.91 -8.14
CA ALA A 307 -16.56 -10.89 -9.29
C ALA A 307 -16.32 -9.70 -10.24
N LEU A 308 -16.26 -8.50 -9.68
CA LEU A 308 -16.12 -7.29 -10.50
C LEU A 308 -14.89 -7.40 -11.41
N GLY A 309 -13.74 -7.68 -10.79
CA GLY A 309 -12.48 -7.83 -11.52
C GLY A 309 -12.55 -8.89 -12.61
N ASN A 310 -13.10 -10.05 -12.27
CA ASN A 310 -13.17 -11.15 -13.22
C ASN A 310 -14.11 -10.85 -14.40
N LEU A 311 -15.26 -10.27 -14.11
CA LEU A 311 -16.22 -9.92 -15.15
C LEU A 311 -15.72 -8.79 -16.05
N ALA A 313 -12.70 -8.07 -16.56
CA ALA A 313 -11.55 -8.61 -17.29
C ALA A 313 -11.99 -9.27 -18.61
N ILE A 314 -13.11 -9.99 -18.57
CA ILE A 314 -13.74 -10.54 -19.76
C ILE A 314 -14.20 -9.44 -20.71
N ILE A 315 -14.89 -8.45 -20.16
CA ILE A 315 -15.48 -7.37 -20.93
C ILE A 315 -14.43 -6.51 -21.63
N SER A 316 -13.30 -6.32 -20.95
CA SER A 316 -12.20 -5.48 -21.44
C SER A 316 -11.18 -6.23 -22.32
N ASP A 317 -11.43 -7.53 -22.57
CA ASP A 317 -10.49 -8.42 -23.26
C ASP A 317 -9.14 -8.58 -22.56
N LEU A 318 -9.12 -8.30 -21.26
CA LEU A 318 -7.92 -8.49 -20.44
C LEU A 318 -7.66 -9.99 -20.28
N ALA A 319 -8.70 -10.72 -19.90
CA ALA A 319 -8.65 -12.18 -19.93
C ALA A 319 -8.60 -12.65 -21.38
N THR A 320 -7.86 -13.72 -21.66
CA THR A 320 -7.88 -14.36 -22.99
C THR A 320 -9.26 -14.98 -23.22
N GLU A 321 -9.52 -15.37 -24.46
CA GLU A 321 -10.77 -16.04 -24.80
C GLU A 321 -10.92 -17.33 -24.00
N GLU A 322 -9.84 -18.11 -23.90
CA GLU A 322 -9.84 -19.34 -23.11
C GLU A 322 -10.07 -19.06 -21.63
N GLN A 323 -9.42 -18.03 -21.10
CA GLN A 323 -9.64 -17.61 -19.71
C GLN A 323 -11.07 -17.16 -19.47
N SER A 324 -11.62 -16.40 -20.43
CA SER A 324 -12.99 -15.92 -20.35
C SER A 324 -13.98 -17.08 -20.27
N GLN A 325 -13.79 -18.10 -21.10
CA GLN A 325 -14.66 -19.28 -21.09
C GLN A 325 -14.49 -20.10 -19.81
N ALA A 326 -13.27 -20.12 -19.26
CA ALA A 326 -13.00 -20.82 -18.00
C ALA A 326 -13.70 -20.15 -16.82
N ILE A 327 -13.74 -18.82 -16.83
CA ILE A 327 -14.47 -18.05 -15.83
C ILE A 327 -15.98 -18.35 -15.91
N THR A 329 -17.36 -21.05 -17.19
CA THR A 329 -17.52 -22.45 -16.77
C THR A 329 -17.54 -22.55 -15.23
N LEU A 330 -16.67 -21.80 -14.57
CA LEU A 330 -16.65 -21.74 -13.11
C LEU A 330 -17.99 -21.21 -12.57
N ILE A 331 -18.46 -20.11 -13.13
CA ILE A 331 -19.72 -19.48 -12.68
C ILE A 331 -20.89 -20.45 -12.86
N GLU A 332 -20.95 -21.11 -14.01
CA GLU A 332 -21.98 -22.11 -14.29
C GLU A 332 -21.94 -23.29 -13.31
N ASP A 333 -20.76 -23.89 -13.17
CA ASP A 333 -20.60 -25.10 -12.35
C ASP A 333 -20.70 -24.82 -10.85
N ARG A 334 -20.29 -23.64 -10.41
CA ARG A 334 -20.40 -23.24 -8.99
C ARG A 334 -21.42 -22.12 -8.79
N TRP A 335 -22.52 -22.22 -9.52
CA TRP A 335 -23.63 -21.28 -9.47
C TRP A 335 -24.14 -21.06 -8.05
N GLU A 336 -24.33 -22.14 -7.31
CA GLU A 336 -24.87 -22.03 -5.95
C GLU A 336 -23.94 -21.25 -5.04
N ASP A 337 -22.64 -21.42 -5.22
CA ASP A 337 -21.65 -20.65 -4.46
C ASP A 337 -21.60 -19.18 -4.88
N LEU A 338 -21.53 -18.94 -6.18
CA LEU A 338 -21.24 -17.59 -6.69
C LEU A 338 -22.48 -16.72 -6.94
N VAL A 339 -23.62 -17.35 -7.22
CA VAL A 339 -24.87 -16.62 -7.46
C VAL A 339 -25.89 -16.92 -6.37
N GLY A 340 -26.07 -18.18 -6.03
CA GLY A 340 -27.04 -18.58 -4.99
C GLY A 340 -28.43 -18.09 -5.33
N ASP A 341 -29.05 -17.34 -4.42
CA ASP A 341 -30.40 -16.80 -4.64
C ASP A 341 -30.42 -15.29 -4.94
N PRO A 343 -27.89 -12.82 -7.71
CA PRO A 343 -26.62 -12.47 -8.35
C PRO A 343 -26.10 -11.13 -7.85
N LYS A 345 -22.23 -12.82 -5.70
CA LYS A 345 -21.22 -12.60 -4.66
C LYS A 345 -20.16 -11.61 -5.12
N ILE A 346 -19.91 -10.60 -4.30
CA ILE A 346 -18.85 -9.64 -4.55
C ILE A 346 -17.49 -10.35 -4.54
N CYS A 347 -17.37 -11.35 -3.67
CA CYS A 347 -16.22 -12.24 -3.64
C CYS A 347 -16.57 -13.57 -3.00
N TYR A 348 -15.70 -14.55 -3.18
CA TYR A 348 -15.92 -15.89 -2.65
C TYR A 348 -14.57 -16.60 -2.41
N PRO A 349 -14.43 -17.30 -1.27
CA PRO A 349 -15.38 -17.42 -0.17
C PRO A 349 -15.27 -16.29 0.84
N ALA A 350 -16.10 -16.34 1.87
CA ALA A 350 -16.01 -15.40 2.98
C ALA A 350 -14.71 -15.60 3.75
N LEU A 351 -14.18 -14.52 4.31
CA LEU A 351 -13.11 -14.60 5.30
C LEU A 351 -13.76 -15.02 6.61
N GLU A 352 -13.26 -16.10 7.21
CA GLU A 352 -13.83 -16.64 8.44
C GLU A 352 -12.78 -16.91 9.50
N ASN A 353 -13.25 -17.04 10.74
CA ASN A 353 -12.43 -17.46 11.87
C ASN A 353 -11.16 -16.61 11.99
N GLU A 354 -9.99 -17.25 12.06
CA GLU A 354 -8.74 -16.54 12.25
C GLU A 354 -8.45 -15.56 11.10
N GLU A 355 -8.74 -16.01 9.88
CA GLU A 355 -8.57 -15.17 8.70
C GLU A 355 -9.41 -13.90 8.81
N TYR A 356 -10.65 -14.05 9.24
CA TYR A 356 -11.54 -12.91 9.46
C TYR A 356 -10.94 -11.95 10.49
N ARG A 357 -10.45 -12.50 11.61
CA ARG A 357 -9.89 -11.68 12.68
C ARG A 357 -8.64 -10.92 12.28
N ILE A 358 -7.73 -11.60 11.59
CA ILE A 358 -6.47 -10.99 11.13
C ILE A 358 -6.67 -9.99 10.01
N VAL A 359 -7.42 -10.38 8.98
CA VAL A 359 -7.51 -9.60 7.74
C VAL A 359 -8.45 -8.40 7.86
N THR A 360 -9.58 -8.57 8.54
CA THR A 360 -10.57 -7.48 8.69
C THR A 360 -10.45 -6.73 10.00
N GLY A 361 -9.65 -7.25 10.93
CA GLY A 361 -9.56 -6.67 12.28
C GLY A 361 -10.86 -6.77 13.05
N CYS A 362 -11.61 -7.84 12.81
CA CYS A 362 -12.91 -8.10 13.45
C CYS A 362 -13.97 -7.04 13.16
N ASP A 363 -13.93 -6.49 11.94
CA ASP A 363 -14.94 -5.55 11.48
C ASP A 363 -16.32 -6.19 11.59
N PRO A 364 -17.22 -5.61 12.41
CA PRO A 364 -18.51 -6.23 12.67
C PRO A 364 -19.48 -6.16 11.49
N LYS A 365 -19.26 -5.23 10.59
CA LYS A 365 -20.07 -5.15 9.42
C LYS A 365 -19.76 -6.26 8.41
N ASN A 366 -18.50 -6.58 8.29
CA ASN A 366 -18.02 -7.58 7.33
C ASN A 366 -17.83 -8.98 7.91
N ILE A 367 -18.76 -9.38 8.78
CA ILE A 367 -18.84 -10.78 9.23
C ILE A 367 -19.06 -11.67 8.01
N PRO A 368 -18.76 -12.98 8.13
CA PRO A 368 -18.87 -13.87 6.96
C PRO A 368 -20.20 -13.81 6.22
N TRP A 369 -20.11 -13.68 4.90
CA TRP A 369 -21.27 -13.65 3.99
C TRP A 369 -22.14 -12.39 4.14
N SER A 370 -21.60 -11.35 4.77
CA SER A 370 -22.28 -10.06 4.91
C SER A 370 -21.50 -8.94 4.23
N TYR A 371 -22.24 -8.08 3.54
CA TYR A 371 -21.72 -6.83 2.99
C TYR A 371 -20.53 -7.11 2.05
N HIS A 372 -19.34 -6.59 2.35
CA HIS A 372 -18.17 -6.81 1.47
C HIS A 372 -17.59 -8.21 1.58
N ASN A 373 -17.79 -8.84 2.73
CA ASN A 373 -17.21 -10.15 2.98
C ASN A 373 -18.08 -11.26 2.42
N ALA A 374 -18.09 -11.35 1.09
CA ALA A 374 -18.88 -12.33 0.34
C ALA A 374 -20.39 -12.15 0.51
N GLY A 375 -20.82 -10.90 0.64
CA GLY A 375 -22.24 -10.54 0.50
C GLY A 375 -22.61 -10.57 -0.98
N SER A 376 -23.90 -10.50 -1.25
CA SER A 376 -24.42 -10.56 -2.61
C SER A 376 -24.90 -9.18 -3.06
N TRP A 377 -24.43 -8.74 -4.22
CA TRP A 377 -24.62 -7.37 -4.69
C TRP A 377 -25.27 -7.36 -6.06
N PRO A 378 -26.58 -7.02 -6.12
CA PRO A 378 -27.35 -7.02 -7.36
C PRO A 378 -26.75 -6.20 -8.50
N VAL A 379 -26.09 -5.09 -8.18
CA VAL A 379 -25.48 -4.23 -9.21
C VAL A 379 -24.57 -5.04 -10.14
N LEU A 380 -23.86 -6.02 -9.60
CA LEU A 380 -22.92 -6.82 -10.37
C LEU A 380 -23.56 -7.60 -11.52
N TRP A 382 -25.23 -6.50 -14.04
CA TRP A 382 -25.01 -5.87 -15.35
C TRP A 382 -23.67 -6.29 -15.95
N LEU A 384 -22.25 -9.18 -15.15
CA LEU A 384 -22.46 -10.58 -15.47
C LEU A 384 -23.11 -10.73 -16.84
N ALA A 385 -24.08 -9.87 -17.12
CA ALA A 385 -24.75 -9.82 -18.41
C ALA A 385 -23.77 -9.47 -19.52
N ALA A 386 -23.06 -8.37 -19.34
CA ALA A 386 -22.06 -7.91 -20.31
C ALA A 386 -21.01 -8.99 -20.62
N ALA A 387 -20.49 -9.60 -19.57
CA ALA A 387 -19.49 -10.66 -19.70
C ALA A 387 -20.05 -11.91 -20.40
N SER A 388 -21.26 -12.32 -20.00
CA SER A 388 -21.91 -13.48 -20.58
C SER A 388 -22.19 -13.30 -22.07
N VAL A 389 -22.69 -12.11 -22.44
CA VAL A 389 -22.93 -11.76 -23.84
C VAL A 389 -21.61 -11.74 -24.60
N LYS A 390 -20.60 -11.12 -24.00
CA LYS A 390 -19.26 -11.07 -24.58
C LYS A 390 -18.70 -12.47 -24.84
N ALA A 391 -18.92 -13.39 -23.91
CA ALA A 391 -18.40 -14.75 -24.00
C ALA A 391 -19.26 -15.67 -24.86
N GLY A 392 -20.37 -15.16 -25.38
CA GLY A 392 -21.26 -15.94 -26.25
C GLY A 392 -22.12 -16.94 -25.50
N LYS A 393 -22.40 -16.65 -24.23
CA LYS A 393 -23.24 -17.52 -23.40
C LYS A 393 -24.27 -16.69 -22.64
N PRO A 394 -25.14 -15.96 -23.37
CA PRO A 394 -26.11 -15.05 -22.74
C PRO A 394 -27.10 -15.72 -21.79
N TYR A 395 -27.33 -17.02 -21.96
CA TYR A 395 -28.23 -17.79 -21.08
C TYR A 395 -27.79 -17.82 -19.61
N ILE A 396 -26.49 -17.66 -19.37
CA ILE A 396 -25.96 -17.61 -18.01
C ILE A 396 -26.55 -16.41 -17.29
N ALA A 397 -26.49 -15.26 -17.94
CA ALA A 397 -27.04 -14.04 -17.38
C ALA A 397 -28.57 -14.07 -17.36
N GLY A 398 -29.19 -14.72 -18.34
CA GLY A 398 -30.64 -14.94 -18.35
C GLY A 398 -31.12 -15.67 -17.12
N LYS A 399 -30.38 -16.70 -16.73
CA LYS A 399 -30.64 -17.46 -15.50
C LYS A 399 -30.57 -16.55 -14.26
N ALA A 400 -29.56 -15.69 -14.22
CA ALA A 400 -29.40 -14.72 -13.12
C ALA A 400 -30.51 -13.67 -13.09
N ILE A 401 -30.90 -13.18 -14.26
CA ILE A 401 -32.00 -12.22 -14.38
C ILE A 401 -33.30 -12.78 -13.80
N GLU A 402 -33.61 -14.02 -14.17
CA GLU A 402 -34.80 -14.71 -13.69
C GLU A 402 -34.87 -14.75 -12.16
N ILE A 403 -33.73 -15.06 -11.54
CA ILE A 403 -33.62 -15.11 -10.08
C ILE A 403 -33.82 -13.72 -9.47
N ALA A 404 -33.07 -12.74 -9.98
CA ALA A 404 -33.13 -11.37 -9.47
C ALA A 404 -34.55 -10.80 -9.60
N GLN A 405 -35.15 -10.98 -10.76
CA GLN A 405 -36.54 -10.53 -11.01
C GLN A 405 -37.51 -11.00 -9.94
N ALA A 406 -37.34 -12.23 -9.51
CA ALA A 406 -38.23 -12.86 -8.52
C ALA A 406 -38.23 -12.20 -7.15
N ARG A 407 -37.20 -11.39 -6.85
CA ARG A 407 -37.06 -10.79 -5.52
C ARG A 407 -36.86 -9.27 -5.48
N LEU A 408 -36.18 -8.71 -6.48
CA LEU A 408 -35.76 -7.30 -6.41
C LEU A 408 -36.95 -6.33 -6.38
N LEU A 409 -37.98 -6.61 -7.17
CA LEU A 409 -39.18 -5.77 -7.17
C LEU A 409 -39.87 -5.87 -5.81
N GLU A 410 -40.09 -7.11 -5.35
CA GLU A 410 -40.72 -7.35 -4.05
C GLU A 410 -40.00 -6.62 -2.95
N ASP A 411 -38.69 -6.84 -2.88
CA ASP A 411 -37.83 -6.23 -1.85
C ASP A 411 -37.53 -4.75 -2.09
N GLU A 412 -38.08 -4.19 -3.15
CA GLU A 412 -37.92 -2.78 -3.50
C GLU A 412 -36.43 -2.38 -3.69
N TRP A 413 -35.73 -3.22 -4.45
CA TRP A 413 -34.39 -2.89 -4.97
C TRP A 413 -33.35 -2.63 -3.88
N PRO A 414 -33.05 -3.65 -3.05
CA PRO A 414 -32.08 -3.43 -1.99
C PRO A 414 -30.65 -3.29 -2.49
N GLU A 415 -29.86 -2.57 -1.69
CA GLU A 415 -28.44 -2.31 -1.97
C GLU A 415 -27.62 -3.59 -2.04
N TYR A 416 -27.84 -4.50 -1.09
CA TYR A 416 -27.15 -5.77 -1.05
C TYR A 416 -27.90 -6.79 -0.21
N TYR A 417 -27.47 -8.04 -0.32
CA TYR A 417 -28.03 -9.15 0.46
C TYR A 417 -26.92 -9.87 1.22
N ASP A 418 -27.30 -10.50 2.33
CA ASP A 418 -26.38 -11.25 3.18
C ASP A 418 -26.68 -12.75 3.18
N GLY A 419 -25.74 -13.53 3.70
CA GLY A 419 -25.89 -14.98 3.84
C GLY A 419 -25.18 -15.76 2.74
N LYS A 420 -24.89 -17.03 3.04
CA LYS A 420 -24.22 -17.92 2.08
C LYS A 420 -24.89 -18.02 0.72
N LYS A 421 -26.22 -17.96 0.70
CA LYS A 421 -26.99 -18.02 -0.56
C LYS A 421 -27.63 -16.69 -0.93
N GLY A 422 -27.28 -15.63 -0.21
CA GLY A 422 -27.83 -14.29 -0.46
C GLY A 422 -29.33 -14.19 -0.18
N ARG A 423 -29.79 -15.00 0.77
CA ARG A 423 -31.22 -15.07 1.09
C ARG A 423 -31.73 -13.87 1.90
N LEU A 424 -30.86 -13.27 2.70
CA LEU A 424 -31.27 -12.20 3.62
C LEU A 424 -31.04 -10.83 3.00
N ILE A 425 -32.04 -9.95 3.10
CA ILE A 425 -31.85 -8.55 2.75
C ILE A 425 -30.74 -8.00 3.64
N GLY A 426 -29.82 -7.25 3.03
CA GLY A 426 -28.65 -6.77 3.75
C GLY A 426 -29.01 -6.04 5.02
N LYS A 427 -28.32 -6.37 6.11
CA LYS A 427 -28.63 -5.82 7.43
C LYS A 427 -28.71 -4.28 7.44
N GLN A 428 -27.82 -3.64 6.69
CA GLN A 428 -27.81 -2.18 6.58
C GLN A 428 -28.09 -1.70 5.15
N ALA A 429 -28.71 -2.56 4.35
CA ALA A 429 -29.00 -2.27 2.95
C ALA A 429 -30.08 -1.22 2.81
N ARG A 430 -29.83 -0.20 2.01
CA ARG A 430 -30.86 0.77 1.68
C ARG A 430 -31.78 0.17 0.62
N LYS A 431 -33.05 0.57 0.68
CA LYS A 431 -33.99 0.24 -0.38
C LYS A 431 -33.88 1.29 -1.47
N TYR A 432 -34.40 0.95 -2.65
CA TYR A 432 -34.32 1.82 -3.82
C TYR A 432 -32.87 2.28 -4.08
N GLN A 433 -31.94 1.33 -3.94
CA GLN A 433 -30.54 1.59 -4.26
C GLN A 433 -30.43 1.71 -5.78
N THR A 434 -29.97 2.87 -6.24
CA THR A 434 -30.07 3.21 -7.65
C THR A 434 -29.28 2.24 -8.55
N TRP A 435 -28.09 1.83 -8.16
CA TRP A 435 -27.31 0.93 -9.03
C TRP A 435 -27.86 -0.51 -9.05
N THR A 436 -28.70 -0.86 -8.09
CA THR A 436 -29.46 -2.11 -8.14
C THR A 436 -30.53 -2.00 -9.25
N ILE A 437 -31.25 -0.89 -9.27
CA ILE A 437 -32.27 -0.62 -10.29
C ILE A 437 -31.65 -0.51 -11.68
N ALA A 438 -30.61 0.32 -11.80
CA ALA A 438 -29.92 0.52 -13.07
C ALA A 438 -29.17 -0.73 -13.54
N GLY A 439 -28.59 -1.46 -12.60
CA GLY A 439 -27.88 -2.71 -12.91
C GLY A 439 -28.82 -3.73 -13.52
N PHE A 440 -30.01 -3.83 -12.93
CA PHE A 440 -31.05 -4.72 -13.44
C PHE A 440 -31.47 -4.32 -14.86
N LEU A 441 -31.79 -3.04 -15.03
CA LEU A 441 -32.21 -2.52 -16.34
C LEU A 441 -31.12 -2.73 -17.38
N LEU A 442 -29.88 -2.40 -17.01
CA LEU A 442 -28.75 -2.49 -17.92
C LEU A 442 -28.52 -3.92 -18.37
N ALA A 443 -28.60 -4.86 -17.43
CA ALA A 443 -28.51 -6.29 -17.74
C ALA A 443 -29.53 -6.68 -18.81
N ALA A 444 -30.78 -6.26 -18.63
CA ALA A 444 -31.86 -6.55 -19.59
C ALA A 444 -31.57 -5.92 -20.96
N GLU A 445 -31.04 -4.71 -20.97
CA GLU A 445 -30.72 -4.00 -22.22
C GLU A 445 -29.57 -4.66 -22.99
N LEU A 446 -28.52 -5.06 -22.28
CA LEU A 446 -27.37 -5.72 -22.90
C LEU A 446 -27.74 -7.08 -23.51
N LYS A 448 -30.84 -7.75 -24.78
CA LYS A 448 -31.61 -7.41 -25.99
C LYS A 448 -30.73 -6.97 -27.16
N ASN A 449 -29.67 -6.23 -26.85
CA ASN A 449 -28.79 -5.65 -27.87
C ASN A 449 -27.32 -5.75 -27.46
N PRO A 450 -26.68 -6.89 -27.79
CA PRO A 450 -25.25 -7.13 -27.51
C PRO A 450 -24.30 -6.06 -28.02
N SER A 451 -24.65 -5.40 -29.13
CA SER A 451 -23.82 -4.35 -29.72
C SER A 451 -23.52 -3.20 -28.76
N LEU A 452 -24.33 -3.05 -27.72
CA LEU A 452 -24.14 -2.04 -26.68
C LEU A 452 -22.89 -2.25 -25.81
N LEU A 453 -22.26 -3.42 -25.93
CA LEU A 453 -20.95 -3.66 -25.29
C LEU A 453 -19.91 -2.62 -25.71
N SER A 454 -20.05 -2.07 -26.91
CA SER A 454 -19.13 -1.04 -27.42
C SER A 454 -19.08 0.21 -26.52
N LEU A 455 -20.13 0.44 -25.74
CA LEU A 455 -20.16 1.56 -24.78
C LEU A 455 -19.19 1.39 -23.61
N ILE A 456 -18.94 0.14 -23.21
CA ILE A 456 -18.14 -0.13 -22.01
C ILE A 456 -16.84 -0.88 -22.32
N SER A 457 -16.57 -1.15 -23.59
CA SER A 457 -15.35 -1.84 -23.99
C SER A 457 -14.87 -1.37 -25.35
N ASP B 11 41.20 -4.53 25.06
CA ASP B 11 40.47 -5.82 24.83
C ASP B 11 40.61 -6.24 23.36
N ILE B 12 40.79 -7.55 23.14
CA ILE B 12 40.95 -8.09 21.78
C ILE B 12 39.70 -7.97 20.91
N ILE B 13 38.53 -7.96 21.56
CA ILE B 13 37.25 -7.90 20.85
C ILE B 13 37.07 -6.56 20.13
N GLU B 14 37.30 -5.46 20.85
CA GLU B 14 37.27 -4.14 20.25
C GLU B 14 38.34 -4.01 19.18
N GLU B 15 39.54 -4.53 19.49
CA GLU B 15 40.66 -4.54 18.54
C GLU B 15 40.30 -5.24 17.23
N SER B 16 39.73 -6.44 17.33
CA SER B 16 39.33 -7.23 16.16
C SER B 16 38.22 -6.55 15.36
N ALA B 17 37.30 -5.89 16.07
CA ALA B 17 36.20 -5.16 15.45
C ALA B 17 36.71 -4.03 14.55
N TRP B 18 37.72 -3.31 15.03
CA TRP B 18 38.34 -2.23 14.25
C TRP B 18 39.05 -2.75 13.00
N GLU B 19 39.72 -3.90 13.12
CA GLU B 19 40.40 -4.52 11.99
C GLU B 19 39.42 -4.90 10.89
N ALA B 20 38.32 -5.52 11.29
CA ALA B 20 37.28 -5.96 10.35
C ALA B 20 36.64 -4.77 9.64
N LEU B 21 36.31 -3.73 10.39
CA LEU B 21 35.70 -2.53 9.82
C LEU B 21 36.59 -1.88 8.77
N GLU B 22 37.91 -1.92 9.00
CA GLU B 22 38.89 -1.44 8.03
C GLU B 22 38.90 -2.31 6.76
N LYS B 23 38.88 -3.62 6.95
CA LYS B 23 38.83 -4.57 5.83
C LYS B 23 37.56 -4.43 4.98
N SER B 24 36.47 -3.96 5.60
CA SER B 24 35.18 -3.84 4.94
C SER B 24 35.08 -2.65 3.97
N ILE B 25 36.05 -1.74 4.02
CA ILE B 25 35.99 -0.51 3.23
C ILE B 25 35.99 -0.82 1.72
N LEU B 26 35.10 -0.15 1.01
CA LEU B 26 34.92 -0.35 -0.43
C LEU B 26 35.52 0.82 -1.20
N TYR B 27 36.45 0.51 -2.10
CA TYR B 27 37.12 1.56 -2.87
C TYR B 27 36.56 1.68 -4.30
N TYR B 28 36.45 2.93 -4.75
CA TYR B 28 35.98 3.25 -6.09
C TYR B 28 36.91 4.31 -6.67
N LYS B 29 37.55 3.99 -7.79
CA LYS B 29 38.56 4.87 -8.41
C LYS B 29 39.64 5.28 -7.39
N GLY B 30 40.03 4.32 -6.54
CA GLY B 30 41.03 4.56 -5.49
C GLY B 30 40.54 5.35 -4.28
N ARG B 31 39.26 5.73 -4.27
CA ARG B 31 38.67 6.50 -3.17
C ARG B 31 37.70 5.62 -2.38
N PRO B 32 37.71 5.73 -1.04
CA PRO B 32 36.72 4.98 -0.27
C PRO B 32 35.34 5.59 -0.44
N VAL B 33 34.36 4.76 -0.81
CA VAL B 33 32.99 5.22 -1.06
C VAL B 33 31.95 4.59 -0.14
N GLY B 34 32.39 3.68 0.72
CA GLY B 34 31.50 3.04 1.68
C GLY B 34 32.11 1.77 2.24
N THR B 35 31.26 0.93 2.82
CA THR B 35 31.69 -0.35 3.37
C THR B 35 30.79 -1.46 2.85
N VAL B 36 31.38 -2.64 2.64
CA VAL B 36 30.61 -3.80 2.17
C VAL B 36 29.69 -4.32 3.28
N ALA B 37 28.63 -5.03 2.89
CA ALA B 37 27.66 -5.56 3.86
C ALA B 37 28.31 -6.65 4.72
N ALA B 38 29.00 -7.57 4.07
CA ALA B 38 29.74 -8.62 4.76
C ALA B 38 30.98 -8.98 3.95
N PHE B 39 32.09 -9.16 4.65
CA PHE B 39 33.37 -9.41 3.99
C PHE B 39 33.68 -10.89 3.85
N ASP B 40 33.96 -11.28 2.61
CA ASP B 40 34.28 -12.67 2.24
C ASP B 40 34.22 -12.79 0.71
N TYR B 48 30.03 -8.78 -2.65
CA TYR B 48 31.36 -8.58 -2.04
C TYR B 48 32.07 -7.27 -2.44
N ASP B 49 31.37 -6.48 -3.24
CA ASP B 49 31.82 -5.18 -3.72
C ASP B 49 30.61 -4.27 -3.58
N GLN B 50 29.81 -4.56 -2.57
CA GLN B 50 28.42 -4.12 -2.49
C GLN B 50 28.16 -3.33 -1.21
N CYS B 51 27.80 -2.06 -1.38
CA CYS B 51 27.51 -1.19 -0.25
C CYS B 51 26.02 -0.89 -0.14
N PHE B 52 25.42 -1.31 0.98
CA PHE B 52 24.02 -1.02 1.29
C PHE B 52 23.94 0.29 2.06
N VAL B 53 22.95 1.12 1.72
CA VAL B 53 22.81 2.44 2.31
C VAL B 53 22.52 2.35 3.81
N ARG B 54 21.56 1.52 4.18
CA ARG B 54 21.18 1.37 5.60
C ARG B 54 22.32 0.78 6.43
N ASP B 55 23.06 -0.16 5.85
CA ASP B 55 24.21 -0.77 6.52
C ASP B 55 25.30 0.25 6.82
N PHE B 56 25.54 1.14 5.85
CA PHE B 56 26.61 2.13 5.95
C PHE B 56 26.40 3.19 7.04
N VAL B 57 25.17 3.39 7.49
CA VAL B 57 24.88 4.40 8.51
C VAL B 57 25.76 4.22 9.75
N SER B 58 25.77 3.01 10.29
CA SER B 58 26.58 2.69 11.48
C SER B 58 28.06 2.94 11.22
N SER B 59 28.57 2.41 10.11
CA SER B 59 29.95 2.64 9.70
C SER B 59 30.27 4.12 9.55
N ALA B 60 29.44 4.82 8.79
CA ALA B 60 29.61 6.25 8.54
C ALA B 60 29.69 7.04 9.84
N LEU B 61 28.82 6.73 10.80
CA LEU B 61 28.83 7.41 12.08
C LEU B 61 30.13 7.16 12.84
N ILE B 62 30.66 5.93 12.78
CA ILE B 62 31.97 5.63 13.34
C ILE B 62 33.03 6.50 12.68
N PHE B 63 33.07 6.46 11.35
CA PHE B 63 34.06 7.21 10.58
C PHE B 63 33.99 8.72 10.83
N LEU B 64 32.78 9.26 10.93
CA LEU B 64 32.60 10.66 11.32
C LEU B 64 33.16 10.92 12.72
N ILE B 65 32.89 10.00 13.65
CA ILE B 65 33.34 10.13 15.04
C ILE B 65 34.88 10.12 15.15
N LYS B 66 35.54 9.34 14.29
CA LYS B 66 37.00 9.25 14.28
C LYS B 66 37.66 10.29 13.36
N GLY B 67 36.87 11.20 12.82
CA GLY B 67 37.39 12.27 11.96
C GLY B 67 37.70 11.85 10.52
N LYS B 68 37.34 10.62 10.16
CA LYS B 68 37.56 10.11 8.82
C LYS B 68 36.33 10.44 7.97
N THR B 69 36.15 11.74 7.68
CA THR B 69 34.91 12.23 7.08
C THR B 69 34.87 12.08 5.55
N ASP B 70 36.03 11.90 4.92
CA ASP B 70 36.12 11.85 3.46
C ASP B 70 35.30 10.72 2.83
N ILE B 71 35.33 9.55 3.45
CA ILE B 71 34.55 8.39 2.98
C ILE B 71 33.04 8.67 2.97
N VAL B 72 32.56 9.37 3.99
CA VAL B 72 31.14 9.71 4.11
C VAL B 72 30.75 10.75 3.06
N ARG B 73 31.60 11.76 2.90
CA ARG B 73 31.43 12.75 1.84
C ARG B 73 31.32 12.08 0.49
N ASN B 74 32.22 11.14 0.22
CA ASN B 74 32.24 10.38 -1.03
C ASN B 74 31.00 9.53 -1.25
N PHE B 75 30.56 8.87 -0.18
CA PHE B 75 29.35 8.04 -0.22
C PHE B 75 28.16 8.92 -0.62
N LEU B 76 28.01 10.04 0.08
CA LEU B 76 26.89 10.96 -0.16
C LEU B 76 26.90 11.52 -1.58
N GLU B 77 28.09 11.89 -2.06
CA GLU B 77 28.23 12.45 -3.41
C GLU B 77 27.88 11.43 -4.49
N GLU B 78 28.39 10.22 -4.35
CA GLU B 78 28.20 9.17 -5.35
C GLU B 78 26.77 8.63 -5.36
N THR B 79 26.17 8.46 -4.19
CA THR B 79 24.79 7.99 -4.10
C THR B 79 23.82 9.04 -4.67
N LEU B 80 24.10 10.30 -4.39
CA LEU B 80 23.31 11.41 -4.96
C LEU B 80 23.23 11.32 -6.48
N LYS B 81 24.32 10.92 -7.12
CA LYS B 81 24.37 10.79 -8.58
C LYS B 81 23.48 9.66 -9.11
N LEU B 82 23.27 8.63 -8.29
CA LEU B 82 22.45 7.47 -8.68
C LEU B 82 20.95 7.73 -8.54
N GLN B 83 20.59 8.75 -7.78
CA GLN B 83 19.18 9.14 -7.58
C GLN B 83 18.50 9.53 -8.89
N PRO B 84 17.35 8.91 -9.22
CA PRO B 84 16.61 9.37 -10.41
C PRO B 84 16.09 10.79 -10.23
N LYS B 85 16.37 11.65 -11.22
CA LYS B 85 16.03 13.06 -11.15
C LYS B 85 14.69 13.36 -11.82
N ASP B 86 14.27 12.47 -12.73
CA ASP B 86 13.04 12.67 -13.52
C ASP B 86 11.91 11.74 -13.09
N ARG B 87 10.68 12.17 -13.37
CA ARG B 87 9.49 11.35 -13.17
C ARG B 87 9.56 10.08 -14.01
N GLN B 88 9.16 8.96 -13.41
CA GLN B 88 9.23 7.65 -14.06
C GLN B 88 7.84 7.03 -14.23
N LEU B 89 7.39 6.93 -15.48
CA LEU B 89 6.09 6.36 -15.81
C LEU B 89 6.15 4.91 -16.29
N ASP B 90 7.36 4.38 -16.50
CA ASP B 90 7.52 2.99 -16.93
C ASP B 90 7.67 2.07 -15.73
N ALA B 91 7.23 0.82 -15.91
CA ALA B 91 7.36 -0.21 -14.88
C ALA B 91 8.81 -0.67 -14.73
N TYR B 92 9.12 -1.22 -13.56
CA TYR B 92 10.44 -1.80 -13.26
C TYR B 92 11.62 -0.83 -13.34
N LYS B 93 11.32 0.45 -13.10
CA LYS B 93 12.35 1.49 -12.98
C LYS B 93 12.02 2.31 -11.74
N PRO B 94 13.05 2.81 -11.03
CA PRO B 94 12.80 3.47 -9.75
C PRO B 94 12.04 4.78 -9.86
N GLY B 95 11.26 5.07 -8.83
CA GLY B 95 10.54 6.34 -8.74
C GLY B 95 11.48 7.52 -8.56
N ARG B 96 11.00 8.69 -8.95
CA ARG B 96 11.76 9.93 -8.87
C ARG B 96 12.20 10.24 -7.44
N GLY B 97 13.49 10.52 -7.26
CA GLY B 97 14.02 10.99 -5.99
C GLY B 97 14.46 9.93 -5.01
N LEU B 98 14.27 8.66 -5.37
CA LEU B 98 14.63 7.56 -4.47
C LEU B 98 16.13 7.28 -4.46
N ILE B 99 16.60 6.81 -3.31
CA ILE B 99 17.97 6.36 -3.12
C ILE B 99 17.96 4.83 -3.20
N PRO B 100 18.92 4.24 -3.94
CA PRO B 100 18.92 2.79 -4.07
C PRO B 100 19.24 2.10 -2.74
N ALA B 101 18.78 0.87 -2.58
CA ALA B 101 19.07 0.07 -1.39
C ALA B 101 20.58 -0.17 -1.28
N SER B 102 21.22 -0.36 -2.43
CA SER B 102 22.63 -0.62 -2.49
C SER B 102 23.24 -0.22 -3.84
N PHE B 103 24.56 -0.14 -3.86
CA PHE B 103 25.30 0.02 -5.11
C PHE B 103 26.55 -0.84 -5.06
N LYS B 104 27.10 -1.16 -6.24
CA LYS B 104 28.35 -1.91 -6.31
C LYS B 104 29.28 -1.38 -7.38
N VAL B 105 30.57 -1.62 -7.19
CA VAL B 105 31.61 -1.21 -8.11
C VAL B 105 31.74 -2.25 -9.21
N VAL B 106 31.53 -1.83 -10.44
CA VAL B 106 31.68 -2.70 -11.60
C VAL B 106 33.11 -2.51 -12.12
N SER B 107 34.00 -3.34 -11.59
CA SER B 107 35.42 -3.29 -11.93
C SER B 107 35.69 -3.66 -13.39
N ASP B 108 34.85 -4.53 -13.96
CA ASP B 108 35.01 -4.98 -15.34
C ASP B 108 34.99 -3.83 -16.34
N GLU B 111 37.14 0.92 -17.39
CA GLU B 111 37.23 1.63 -16.11
C GLU B 111 36.10 1.21 -15.18
N GLU B 112 36.25 1.55 -13.90
CA GLU B 112 35.24 1.27 -12.89
C GLU B 112 34.04 2.21 -13.00
N TYR B 113 32.84 1.66 -12.74
CA TYR B 113 31.64 2.47 -12.59
C TYR B 113 30.71 1.90 -11.51
N LEU B 114 29.85 2.75 -10.97
CA LEU B 114 28.92 2.35 -9.92
C LEU B 114 27.58 1.89 -10.50
N GLU B 115 27.13 0.72 -10.06
CA GLU B 115 25.86 0.15 -10.49
C GLU B 115 24.89 0.13 -9.31
N ALA B 116 23.82 0.89 -9.42
CA ALA B 116 22.81 0.99 -8.36
C ALA B 116 21.82 -0.18 -8.43
N ASP B 117 21.32 -0.56 -7.25
CA ASP B 117 20.23 -1.53 -7.15
C ASP B 117 19.05 -0.90 -6.41
N PHE B 118 17.96 -0.67 -7.13
CA PHE B 118 16.71 -0.18 -6.55
C PHE B 118 15.70 -1.31 -6.35
N GLY B 119 16.13 -2.54 -6.63
CA GLY B 119 15.27 -3.73 -6.53
C GLY B 119 14.60 -4.11 -7.84
N GLU B 120 15.14 -3.63 -8.96
CA GLU B 120 14.52 -3.83 -10.28
C GLU B 120 14.46 -5.29 -10.72
N HIS B 121 15.35 -6.13 -10.17
CA HIS B 121 15.35 -7.56 -10.46
C HIS B 121 15.29 -8.41 -9.19
N ALA B 122 14.90 -7.80 -8.08
CA ALA B 122 14.88 -8.48 -6.79
C ALA B 122 13.65 -9.39 -6.65
N ILE B 123 13.63 -10.19 -5.59
CA ILE B 123 12.49 -11.06 -5.31
C ILE B 123 11.21 -10.25 -5.08
N ALA B 124 11.37 -9.05 -4.52
CA ALA B 124 10.31 -8.05 -4.46
C ALA B 124 10.74 -6.81 -5.23
N ARG B 125 9.96 -6.45 -6.25
CA ARG B 125 10.26 -5.30 -7.10
C ARG B 125 9.75 -4.01 -6.44
N VAL B 126 10.31 -3.75 -5.27
CA VAL B 126 9.94 -2.62 -4.45
C VAL B 126 11.24 -1.96 -4.00
N THR B 127 11.34 -0.64 -4.19
CA THR B 127 12.47 0.12 -3.66
C THR B 127 12.21 0.46 -2.20
N PRO B 128 13.02 -0.09 -1.27
CA PRO B 128 12.83 0.26 0.13
C PRO B 128 12.91 1.77 0.36
N VAL B 129 12.04 2.27 1.23
CA VAL B 129 11.91 3.70 1.48
C VAL B 129 12.93 4.20 2.51
N ASP B 130 13.35 3.32 3.41
CA ASP B 130 14.25 3.72 4.51
C ASP B 130 15.57 4.30 4.00
N SER B 131 16.08 3.79 2.88
CA SER B 131 17.38 4.21 2.34
C SER B 131 17.48 5.72 2.12
N CYS B 132 16.48 6.30 1.46
CA CYS B 132 16.47 7.73 1.17
C CYS B 132 16.29 8.59 2.42
N LEU B 133 15.59 8.03 3.43
CA LEU B 133 15.44 8.72 4.72
C LEU B 133 16.74 8.69 5.52
N TRP B 134 17.44 7.55 5.48
CA TRP B 134 18.77 7.45 6.11
C TRP B 134 19.79 8.35 5.42
N TRP B 135 19.67 8.48 4.10
CA TRP B 135 20.56 9.32 3.31
C TRP B 135 20.50 10.77 3.76
N ILE B 136 19.28 11.26 3.98
CA ILE B 136 19.06 12.61 4.50
C ILE B 136 19.69 12.77 5.89
N LEU B 137 19.50 11.78 6.75
CA LEU B 137 20.07 11.80 8.10
C LEU B 137 21.59 11.74 8.10
N LEU B 138 22.16 10.97 7.16
CA LEU B 138 23.62 10.90 7.01
C LEU B 138 24.20 12.22 6.53
N LEU B 139 23.54 12.84 5.55
CA LEU B 139 23.95 14.15 5.06
C LEU B 139 24.00 15.15 6.21
N ARG B 140 22.98 15.12 7.07
CA ARG B 140 22.96 15.98 8.25
C ARG B 140 24.09 15.62 9.21
N ALA B 141 24.26 14.33 9.47
CA ALA B 141 25.34 13.87 10.34
C ALA B 141 26.70 14.39 9.85
N TYR B 142 26.91 14.33 8.53
CA TYR B 142 28.15 14.79 7.93
C TYR B 142 28.39 16.29 8.14
N VAL B 143 27.38 17.11 7.86
CA VAL B 143 27.53 18.56 7.98
C VAL B 143 27.69 19.00 9.45
N VAL B 144 27.09 18.24 10.36
CA VAL B 144 27.20 18.53 11.78
C VAL B 144 28.59 18.18 12.31
N ALA B 145 29.10 17.01 11.91
CA ALA B 145 30.44 16.57 12.29
C ALA B 145 31.51 17.48 11.71
N SER B 146 31.29 17.92 10.46
CA SER B 146 32.21 18.83 9.77
C SER B 146 32.14 20.28 10.28
N LYS B 147 31.09 20.60 11.03
CA LYS B 147 30.80 21.98 11.45
C LYS B 147 30.74 22.91 10.25
N ASP B 148 30.15 22.39 9.17
CA ASP B 148 30.14 23.06 7.88
C ASP B 148 29.01 22.49 7.03
N PHE B 149 28.07 23.34 6.66
CA PHE B 149 26.90 22.96 5.86
C PHE B 149 27.13 23.13 4.36
N SER B 150 28.38 23.31 3.96
CA SER B 150 28.73 23.63 2.57
C SER B 150 28.22 22.59 1.57
N LEU B 151 28.48 21.31 1.85
CA LEU B 151 28.09 20.23 0.94
C LEU B 151 26.58 20.19 0.73
N ALA B 152 25.83 20.41 1.81
CA ALA B 152 24.36 20.39 1.76
C ALA B 152 23.78 21.54 0.94
N TYR B 153 24.43 22.71 1.01
CA TYR B 153 23.91 23.91 0.31
C TYR B 153 24.26 23.96 -1.17
N GLN B 154 25.02 22.98 -1.66
CA GLN B 154 25.33 22.89 -3.09
C GLN B 154 24.03 22.57 -3.83
N PRO B 155 23.87 23.11 -5.06
CA PRO B 155 22.60 22.98 -5.78
C PRO B 155 22.17 21.53 -6.02
N GLU B 156 23.11 20.67 -6.40
CA GLU B 156 22.80 19.26 -6.63
C GLU B 156 22.29 18.57 -5.37
N PHE B 157 22.85 18.94 -4.22
CA PHE B 157 22.41 18.39 -2.93
C PHE B 157 21.07 18.98 -2.49
N GLN B 158 20.85 20.27 -2.77
CA GLN B 158 19.57 20.90 -2.50
C GLN B 158 18.45 20.21 -3.28
N THR B 159 18.72 19.91 -4.55
CA THR B 159 17.82 19.15 -5.40
C THR B 159 17.56 17.76 -4.81
N GLY B 160 18.65 17.08 -4.44
CA GLY B 160 18.59 15.74 -3.84
C GLY B 160 17.63 15.66 -2.66
N ILE B 161 17.82 16.56 -1.69
CA ILE B 161 16.96 16.66 -0.51
C ILE B 161 15.51 16.94 -0.94
N ARG B 162 15.37 17.88 -1.87
CA ARG B 162 14.05 18.32 -2.34
C ARG B 162 13.26 17.14 -2.92
N LEU B 163 13.90 16.40 -3.82
CA LEU B 163 13.26 15.27 -4.50
C LEU B 163 12.78 14.19 -3.52
N ILE B 164 13.60 13.89 -2.52
CA ILE B 164 13.23 12.91 -1.48
C ILE B 164 12.01 13.38 -0.70
N GLU B 166 9.75 15.49 -1.69
CA GLU B 166 8.61 15.55 -2.60
C GLU B 166 7.91 14.20 -2.73
N ILE B 167 8.68 13.15 -3.00
CA ILE B 167 8.09 11.80 -3.16
C ILE B 167 7.44 11.31 -1.85
N CYS B 168 8.03 11.66 -0.72
CA CYS B 168 7.46 11.30 0.59
C CYS B 168 6.24 12.14 0.98
N LEU B 169 6.30 13.44 0.74
CA LEU B 169 5.21 14.35 1.14
C LEU B 169 3.98 14.24 0.24
N ALA B 170 4.21 14.05 -1.05
CA ALA B 170 3.12 14.09 -2.04
C ALA B 170 2.10 13.00 -1.78
N ASN B 171 0.90 13.42 -1.38
CA ASN B 171 -0.22 12.49 -1.20
C ASN B 171 -0.59 11.84 -2.51
N ARG B 172 -0.83 10.53 -2.46
CA ARG B 172 -1.32 9.80 -3.61
C ARG B 172 -2.80 9.48 -3.36
N PHE B 173 -3.10 8.30 -2.81
CA PHE B 173 -4.48 7.92 -2.48
C PHE B 173 -4.75 8.09 -0.97
N ASP B 174 -3.72 7.82 -0.18
CA ASP B 174 -3.79 7.94 1.28
C ASP B 174 -3.49 9.38 1.70
N TYR B 176 -3.47 10.53 5.13
CA TYR B 176 -2.90 10.70 6.47
C TYR B 176 -1.48 11.29 6.34
N PRO B 177 -1.02 12.03 7.38
CA PRO B 177 0.33 12.63 7.32
C PRO B 177 1.45 11.59 7.28
N THR B 178 1.14 10.37 7.67
CA THR B 178 2.06 9.25 7.59
C THR B 178 2.30 8.83 6.15
N LEU B 179 3.36 8.06 5.96
CA LEU B 179 3.79 7.60 4.64
C LEU B 179 3.20 6.21 4.35
N LEU B 180 2.46 6.09 3.25
CA LEU B 180 1.84 4.82 2.84
C LEU B 180 2.81 4.01 1.98
N VAL B 181 3.02 2.75 2.33
CA VAL B 181 3.97 1.89 1.61
C VAL B 181 3.46 0.47 1.37
N PRO B 182 4.03 -0.23 0.38
CA PRO B 182 3.80 -1.67 0.30
C PRO B 182 4.53 -2.39 1.42
N ASP B 183 4.24 -3.68 1.57
CA ASP B 183 4.95 -4.51 2.54
C ASP B 183 6.43 -4.59 2.16
N GLY B 184 7.27 -4.90 3.14
CA GLY B 184 8.71 -5.07 2.91
C GLY B 184 9.40 -3.83 2.37
N ALA B 185 9.06 -2.66 2.88
CA ALA B 185 9.56 -1.40 2.32
C ALA B 185 10.62 -0.70 3.16
N CYS B 186 11.26 -1.45 4.07
CA CYS B 186 12.28 -0.85 4.94
C CYS B 186 13.39 -1.86 5.26
N ILE B 188 13.21 -4.31 7.16
CA ILE B 188 12.43 -5.50 6.88
C ILE B 188 11.97 -5.36 5.43
N ASP B 189 12.66 -6.05 4.52
CA ASP B 189 12.36 -5.95 3.08
C ASP B 189 11.72 -7.22 2.51
N ARG B 190 11.09 -8.00 3.36
CA ARG B 190 10.26 -9.12 2.93
C ARG B 190 8.87 -8.99 3.54
N ARG B 191 7.95 -9.86 3.15
CA ARG B 191 6.56 -9.76 3.57
C ARG B 191 6.37 -10.13 5.04
N LEU B 192 6.11 -9.13 5.88
CA LEU B 192 5.92 -9.34 7.32
C LEU B 192 4.73 -8.58 7.90
N GLY B 193 3.77 -8.24 7.05
CA GLY B 193 2.58 -7.50 7.47
C GLY B 193 2.88 -6.06 7.85
N ILE B 194 3.93 -5.48 7.25
CA ILE B 194 4.28 -4.08 7.51
C ILE B 194 3.97 -3.16 6.32
N TYR B 195 3.01 -3.57 5.50
CA TYR B 195 2.37 -2.68 4.54
C TYR B 195 1.60 -1.60 5.31
N GLY B 196 1.22 -0.54 4.62
CA GLY B 196 0.41 0.51 5.25
C GLY B 196 1.25 1.65 5.81
N HIS B 197 1.20 1.83 7.12
CA HIS B 197 1.93 2.90 7.80
C HIS B 197 2.86 2.36 8.90
N PRO B 198 3.87 1.55 8.51
CA PRO B 198 4.73 0.93 9.50
C PRO B 198 5.56 1.95 10.27
N LEU B 199 5.71 1.71 11.57
CA LEU B 199 6.37 2.64 12.49
C LEU B 199 7.74 3.11 12.01
N GLU B 200 8.59 2.17 11.66
CA GLU B 200 9.97 2.45 11.23
C GLU B 200 10.03 3.64 10.28
N LEU B 201 9.26 3.56 9.20
CA LEU B 201 9.28 4.59 8.17
C LEU B 201 8.67 5.92 8.63
N GLN B 202 7.65 5.87 9.50
CA GLN B 202 7.05 7.10 10.04
C GLN B 202 8.05 7.85 10.93
N VAL B 203 8.77 7.10 11.75
CA VAL B 203 9.78 7.66 12.65
C VAL B 203 10.96 8.23 11.88
N LEU B 204 11.45 7.49 10.89
CA LEU B 204 12.54 7.97 10.03
C LEU B 204 12.11 9.16 9.16
N PHE B 205 10.85 9.14 8.72
CA PHE B 205 10.28 10.22 7.93
C PHE B 205 10.24 11.51 8.77
N TYR B 206 9.79 11.38 10.01
CA TYR B 206 9.78 12.49 10.96
C TYR B 206 11.17 13.08 11.16
N ALA B 207 12.13 12.22 11.45
CA ALA B 207 13.52 12.65 11.64
C ALA B 207 14.11 13.28 10.38
N ALA B 208 13.76 12.73 9.22
CA ALA B 208 14.23 13.24 7.93
C ALA B 208 13.60 14.59 7.58
N LEU B 209 12.34 14.78 7.95
CA LEU B 209 11.65 16.06 7.79
C LEU B 209 12.37 17.15 8.57
N ARG B 210 12.69 16.85 9.82
CA ARG B 210 13.42 17.77 10.68
C ARG B 210 14.80 18.12 10.12
N ALA B 211 15.51 17.10 9.64
CA ALA B 211 16.85 17.30 9.07
C ALA B 211 16.82 18.10 7.76
N ALA B 212 15.85 17.77 6.90
CA ALA B 212 15.69 18.48 5.63
C ALA B 212 15.42 19.96 5.83
N ARG B 213 14.60 20.28 6.84
CA ARG B 213 14.28 21.68 7.17
C ARG B 213 15.53 22.47 7.56
N GLU B 214 16.44 21.83 8.28
CA GLU B 214 17.70 22.46 8.69
C GLU B 214 18.62 22.76 7.51
N LEU B 216 17.60 22.81 4.02
CA LEU B 216 16.99 23.41 2.85
C LEU B 216 17.00 24.94 2.92
N ILE B 217 17.42 25.55 1.81
CA ILE B 217 17.42 27.01 1.68
C ILE B 217 15.99 27.41 1.28
N CYS B 218 15.36 28.24 2.10
CA CYS B 218 13.95 28.62 1.92
C CYS B 218 13.66 29.34 0.59
N GLN B 219 14.64 30.10 0.11
CA GLN B 219 14.50 30.85 -1.14
C GLN B 219 14.51 29.91 -2.34
N GLY B 220 13.41 29.88 -3.08
CA GLY B 220 13.27 29.00 -4.25
C GLY B 220 12.64 27.66 -3.93
N ASN B 221 12.81 27.20 -2.68
CA ASN B 221 12.24 25.93 -2.22
C ASN B 221 11.00 26.12 -1.33
N GLN B 222 10.28 27.22 -1.56
CA GLN B 222 9.21 27.64 -0.66
C GLN B 222 8.08 26.61 -0.49
N ASP B 223 7.61 26.04 -1.59
CA ASP B 223 6.52 25.05 -1.51
C ASP B 223 6.89 23.84 -0.64
N VAL B 224 8.11 23.34 -0.82
CA VAL B 224 8.58 22.16 -0.07
C VAL B 224 8.82 22.50 1.41
N VAL B 225 9.46 23.63 1.67
CA VAL B 225 9.75 24.04 3.06
C VAL B 225 8.47 24.30 3.86
N GLU B 226 7.50 24.96 3.23
CA GLU B 226 6.19 25.19 3.86
C GLU B 226 5.48 23.87 4.16
N ALA B 227 5.55 22.94 3.20
CA ALA B 227 4.97 21.60 3.36
C ALA B 227 5.60 20.84 4.53
N ILE B 228 6.93 20.89 4.63
CA ILE B 228 7.66 20.28 5.75
C ILE B 228 7.19 20.86 7.09
N ASP B 229 7.05 22.19 7.14
CA ASP B 229 6.59 22.88 8.35
C ASP B 229 5.16 22.49 8.72
N ASN B 230 4.31 22.30 7.73
CA ASN B 230 2.92 21.87 7.98
C ASN B 230 2.87 20.42 8.47
N ARG B 231 3.73 19.58 7.91
CA ARG B 231 3.67 18.14 8.16
C ARG B 231 4.17 17.74 9.54
N LEU B 232 5.28 18.34 9.97
CA LEU B 232 5.97 17.94 11.21
C LEU B 232 5.06 17.87 12.45
N PRO B 233 4.34 18.96 12.77
CA PRO B 233 3.45 18.89 13.94
C PRO B 233 2.25 17.95 13.74
N LEU B 234 1.77 17.83 12.50
CA LEU B 234 0.68 16.91 12.19
C LEU B 234 1.13 15.47 12.35
N LEU B 235 2.30 15.16 11.81
CA LEU B 235 2.87 13.81 11.90
C LEU B 235 3.16 13.44 13.35
N CYS B 236 3.83 14.34 14.07
CA CYS B 236 4.16 14.15 15.47
C CYS B 236 2.91 13.87 16.32
N ALA B 237 1.90 14.72 16.16
CA ALA B 237 0.64 14.56 16.92
C ALA B 237 -0.08 13.26 16.58
N HIS B 238 -0.11 12.92 15.29
CA HIS B 238 -0.76 11.69 14.83
C HIS B 238 -0.11 10.44 15.43
N ILE B 239 1.22 10.36 15.36
CA ILE B 239 1.96 9.21 15.89
C ILE B 239 1.80 9.11 17.40
N ARG B 240 1.99 10.24 18.08
CA ARG B 240 1.93 10.31 19.55
C ARG B 240 0.58 9.84 20.10
N GLN B 241 -0.50 10.22 19.43
CA GLN B 241 -1.84 9.89 19.88
C GLN B 241 -2.23 8.47 19.49
N HIS B 242 -2.11 8.15 18.21
CA HIS B 242 -2.72 6.95 17.65
C HIS B 242 -1.87 5.68 17.68
N TYR B 243 -0.54 5.82 17.68
CA TYR B 243 0.36 4.66 17.75
C TYR B 243 0.65 4.22 19.19
N TRP B 244 0.44 5.11 20.15
CA TRP B 244 0.85 4.84 21.54
C TRP B 244 0.05 3.68 22.14
N ILE B 245 0.78 2.70 22.69
CA ILE B 245 0.15 1.59 23.41
C ILE B 245 0.59 1.59 24.88
N ASP B 246 -0.39 1.65 25.77
CA ASP B 246 -0.16 1.43 27.21
C ASP B 246 -1.38 0.75 27.84
N ILE B 247 -1.32 0.50 29.15
CA ILE B 247 -2.41 -0.16 29.86
C ILE B 247 -3.73 0.60 29.69
N ASN B 248 -3.65 1.93 29.73
CA ASN B 248 -4.83 2.78 29.56
C ASN B 248 -5.49 2.55 28.20
N ARG B 249 -4.69 2.45 27.15
CA ARG B 249 -5.22 2.17 25.83
C ARG B 249 -5.77 0.76 25.72
N LEU B 250 -5.07 -0.20 26.33
CA LEU B 250 -5.52 -1.59 26.32
C LEU B 250 -6.87 -1.74 27.02
N ASN B 251 -7.06 -1.03 28.12
CA ASN B 251 -8.36 -1.02 28.79
C ASN B 251 -9.43 -0.38 27.90
N ALA B 252 -9.08 0.73 27.26
CA ALA B 252 -10.01 1.42 26.35
C ALA B 252 -10.50 0.49 25.24
N ILE B 253 -9.59 -0.26 24.63
CA ILE B 253 -9.95 -1.22 23.58
C ILE B 253 -10.85 -2.31 24.16
N TYR B 254 -10.51 -2.77 25.37
CA TYR B 254 -11.30 -3.78 26.06
C TYR B 254 -12.73 -3.31 26.32
N ARG B 255 -12.90 -2.01 26.57
CA ARG B 255 -14.22 -1.44 26.85
C ARG B 255 -15.18 -1.50 25.68
N PHE B 256 -14.68 -1.20 24.48
CA PHE B 256 -15.49 -1.24 23.25
C PHE B 256 -16.69 -0.30 23.33
N LEU B 268 -11.17 5.34 17.80
CA LEU B 268 -11.40 6.04 16.53
C LEU B 268 -11.22 5.11 15.33
N PHE B 269 -10.07 4.42 15.29
CA PHE B 269 -9.78 3.44 14.24
C PHE B 269 -10.53 2.12 14.46
N ASN B 270 -11.40 2.09 15.48
CA ASN B 270 -12.25 0.94 15.74
C ASN B 270 -11.42 -0.31 15.97
N ILE B 271 -10.49 -0.23 16.91
CA ILE B 271 -9.70 -1.39 17.29
C ILE B 271 -10.57 -2.25 18.21
N TYR B 272 -10.86 -3.48 17.76
CA TYR B 272 -11.70 -4.39 18.52
C TYR B 272 -10.81 -5.36 19.30
N VAL B 273 -11.22 -5.67 20.53
CA VAL B 273 -10.42 -6.50 21.44
C VAL B 273 -10.09 -7.87 20.85
N ASP B 274 -11.03 -8.44 20.11
CA ASP B 274 -10.83 -9.75 19.47
C ASP B 274 -9.73 -9.71 18.41
N SER B 275 -9.48 -8.53 17.83
CA SER B 275 -8.49 -8.37 16.77
C SER B 275 -7.03 -8.35 17.26
N ILE B 276 -6.83 -8.19 18.57
CA ILE B 276 -5.48 -8.15 19.14
C ILE B 276 -5.29 -9.21 20.23
N PRO B 277 -4.04 -9.59 20.53
CA PRO B 277 -3.79 -10.55 21.59
C PRO B 277 -3.83 -9.84 22.95
N TYR B 278 -5.03 -9.45 23.35
CA TYR B 278 -5.23 -8.56 24.49
C TYR B 278 -4.70 -9.16 25.79
N TYR B 279 -4.99 -10.43 26.01
CA TYR B 279 -4.63 -11.11 27.26
C TYR B 279 -3.13 -11.34 27.39
N GLU B 280 -2.46 -11.60 26.27
CA GLU B 280 -0.98 -11.60 26.25
C GLU B 280 -0.45 -10.23 26.61
N LEU B 281 -0.93 -9.21 25.90
CA LEU B 281 -0.47 -7.82 26.09
C LEU B 281 -0.73 -7.28 27.50
N ASP B 282 -1.91 -7.55 28.03
CA ASP B 282 -2.28 -7.12 29.38
C ASP B 282 -1.31 -7.69 30.42
N LYS B 283 -0.99 -8.97 30.27
CA LYS B 283 -0.02 -9.64 31.14
C LYS B 283 1.41 -9.17 30.86
N TRP B 284 1.72 -8.90 29.59
CA TRP B 284 3.08 -8.56 29.17
C TRP B 284 3.51 -7.15 29.55
N LEU B 285 2.63 -6.17 29.35
CA LEU B 285 2.98 -4.76 29.57
C LEU B 285 3.14 -4.42 31.04
N PRO B 286 4.30 -3.87 31.43
CA PRO B 286 4.42 -3.34 32.80
C PRO B 286 3.47 -2.18 33.04
N LYS B 287 3.07 -1.99 34.29
CA LYS B 287 2.14 -0.91 34.65
C LYS B 287 2.59 0.46 34.12
N LYS B 288 3.88 0.76 34.27
CA LYS B 288 4.45 2.02 33.80
C LYS B 288 5.17 1.86 32.46
N GLY B 289 4.83 0.81 31.73
CA GLY B 289 5.46 0.51 30.45
C GLY B 289 4.57 0.91 29.29
N GLY B 290 5.17 1.07 28.12
CA GLY B 290 4.44 1.44 26.92
C GLY B 290 5.34 1.50 25.72
N TYR B 291 4.73 1.54 24.53
CA TYR B 291 5.48 1.60 23.29
C TYR B 291 4.63 2.07 22.13
N LEU B 292 5.30 2.52 21.08
CA LEU B 292 4.63 2.92 19.86
C LEU B 292 4.33 1.68 19.03
N ALA B 293 3.08 1.56 18.60
CA ALA B 293 2.62 0.40 17.84
C ALA B 293 3.38 0.25 16.53
N GLY B 294 3.38 -0.96 15.98
CA GLY B 294 4.05 -1.23 14.72
C GLY B 294 3.32 -0.62 13.52
N ASN B 295 2.02 -0.43 13.66
CA ASN B 295 1.18 0.08 12.57
C ASN B 295 -0.20 0.47 13.10
N VAL B 296 -0.81 1.45 12.45
CA VAL B 296 -2.18 1.87 12.76
C VAL B 296 -2.92 2.22 11.48
N GLY B 297 -4.15 1.72 11.38
CA GLY B 297 -5.06 2.06 10.27
C GLY B 297 -6.48 1.69 10.66
N PRO B 298 -7.46 1.94 9.76
CA PRO B 298 -8.83 1.55 10.04
C PRO B 298 -8.93 0.06 10.33
N SER B 299 -9.50 -0.29 11.49
CA SER B 299 -9.63 -1.68 11.94
C SER B 299 -8.28 -2.42 11.97
N GLN B 300 -7.21 -1.69 12.28
CA GLN B 300 -5.86 -2.25 12.26
C GLN B 300 -4.94 -1.62 13.28
N LEU B 301 -4.50 -2.44 14.24
CA LEU B 301 -3.45 -2.05 15.18
C LEU B 301 -2.46 -3.21 15.28
N ASP B 302 -1.24 -2.98 14.79
CA ASP B 302 -0.17 -3.95 14.91
C ASP B 302 0.47 -3.75 16.28
N THR B 303 0.14 -4.63 17.22
CA THR B 303 0.62 -4.51 18.61
C THR B 303 2.01 -5.09 18.82
N ARG B 304 2.66 -5.56 17.77
CA ARG B 304 4.06 -5.96 17.86
C ARG B 304 4.91 -4.75 18.26
N PHE B 305 5.92 -5.01 19.08
CA PHE B 305 6.91 -4.02 19.43
C PHE B 305 8.02 -4.07 18.38
N PHE B 306 8.24 -2.95 17.69
CA PHE B 306 9.32 -2.81 16.72
C PHE B 306 10.42 -1.93 17.31
N ALA B 307 11.64 -2.45 17.35
CA ALA B 307 12.73 -1.82 18.09
C ALA B 307 13.25 -0.55 17.41
N LEU B 308 13.56 -0.64 16.11
CA LEU B 308 14.14 0.49 15.39
C LEU B 308 13.24 1.72 15.51
N GLY B 309 11.95 1.54 15.27
CA GLY B 309 10.98 2.64 15.31
C GLY B 309 10.86 3.26 16.69
N ASN B 310 10.74 2.42 17.71
CA ASN B 310 10.62 2.89 19.08
C ASN B 310 11.87 3.58 19.61
N LEU B 311 13.04 3.05 19.25
CA LEU B 311 14.31 3.64 19.67
C LEU B 311 14.58 4.98 18.98
N ALA B 313 12.40 6.93 17.76
CA ALA B 313 11.41 7.87 18.27
C ALA B 313 11.88 8.57 19.55
N ILE B 314 12.57 7.83 20.41
CA ILE B 314 13.20 8.40 21.61
C ILE B 314 14.30 9.38 21.20
N ILE B 315 15.15 8.94 20.29
CA ILE B 315 16.31 9.71 19.84
C ILE B 315 15.91 11.04 19.17
N SER B 316 14.86 10.99 18.34
CA SER B 316 14.39 12.17 17.62
C SER B 316 13.44 13.08 18.42
N ASP B 317 13.10 12.67 19.64
CA ASP B 317 12.09 13.35 20.47
C ASP B 317 10.68 13.28 19.87
N LEU B 318 10.47 12.34 18.95
CA LEU B 318 9.15 12.09 18.40
C LEU B 318 8.25 11.57 19.51
N ALA B 319 8.77 10.59 20.25
CA ALA B 319 8.13 10.15 21.49
C ALA B 319 8.29 11.25 22.53
N THR B 320 7.23 11.49 23.31
CA THR B 320 7.30 12.45 24.40
C THR B 320 8.24 11.92 25.48
N GLU B 321 8.67 12.80 26.37
CA GLU B 321 9.59 12.41 27.45
C GLU B 321 8.99 11.25 28.26
N GLU B 322 7.72 11.39 28.62
CA GLU B 322 7.00 10.35 29.35
C GLU B 322 6.94 9.04 28.55
N GLN B 323 6.65 9.15 27.26
CA GLN B 323 6.61 7.98 26.37
C GLN B 323 7.97 7.30 26.30
N SER B 324 9.02 8.11 26.17
CA SER B 324 10.39 7.61 26.10
C SER B 324 10.79 6.84 27.36
N GLN B 325 10.33 7.32 28.51
CA GLN B 325 10.57 6.63 29.78
C GLN B 325 9.74 5.34 29.88
N ALA B 326 8.51 5.39 29.36
CA ALA B 326 7.65 4.21 29.33
C ALA B 326 8.23 3.10 28.46
N ILE B 327 8.84 3.50 27.33
CA ILE B 327 9.54 2.56 26.45
C ILE B 327 10.73 1.93 27.15
N THR B 329 11.22 1.67 30.37
CA THR B 329 10.69 0.82 31.43
C THR B 329 10.28 -0.55 30.88
N LEU B 330 9.69 -0.55 29.68
CA LEU B 330 9.31 -1.80 29.02
C LEU B 330 10.54 -2.65 28.70
N ILE B 331 11.56 -2.01 28.12
CA ILE B 331 12.79 -2.71 27.75
C ILE B 331 13.48 -3.32 28.97
N GLU B 332 13.48 -2.58 30.08
CA GLU B 332 14.05 -3.08 31.33
C GLU B 332 13.29 -4.27 31.88
N ASP B 333 11.98 -4.11 32.03
CA ASP B 333 11.13 -5.12 32.67
C ASP B 333 10.94 -6.38 31.84
N ARG B 334 10.93 -6.24 30.52
CA ARG B 334 10.83 -7.38 29.60
C ARG B 334 12.13 -7.57 28.83
N TRP B 335 13.23 -7.40 29.56
CA TRP B 335 14.59 -7.52 29.01
C TRP B 335 14.86 -8.88 28.38
N GLU B 336 14.36 -9.93 29.02
CA GLU B 336 14.55 -11.29 28.51
C GLU B 336 13.84 -11.51 27.18
N ASP B 337 12.65 -10.92 27.03
CA ASP B 337 11.89 -11.02 25.79
C ASP B 337 12.53 -10.20 24.66
N LEU B 338 12.90 -8.95 24.98
CA LEU B 338 13.34 -7.99 23.97
C LEU B 338 14.83 -7.99 23.67
N VAL B 339 15.66 -8.34 24.66
CA VAL B 339 17.11 -8.44 24.46
C VAL B 339 17.60 -9.88 24.60
N GLY B 340 17.19 -10.56 25.67
CA GLY B 340 17.57 -11.96 25.88
C GLY B 340 19.07 -12.13 25.90
N ASP B 341 19.58 -13.04 25.07
CA ASP B 341 21.01 -13.35 25.01
C ASP B 341 21.75 -12.64 23.88
N PRO B 343 21.38 -8.50 22.09
CA PRO B 343 20.55 -7.36 21.74
C PRO B 343 20.59 -7.14 20.23
N LYS B 345 15.90 -7.77 19.68
CA LYS B 345 14.81 -8.20 18.80
C LYS B 345 14.45 -7.09 17.81
N ILE B 346 14.40 -7.44 16.53
CA ILE B 346 13.93 -6.50 15.51
C ILE B 346 12.46 -6.15 15.76
N CYS B 347 11.69 -7.15 16.18
CA CYS B 347 10.34 -6.95 16.63
C CYS B 347 9.95 -8.08 17.59
N TYR B 348 8.82 -7.93 18.27
CA TYR B 348 8.35 -8.93 19.23
C TYR B 348 6.84 -8.83 19.44
N PRO B 349 6.13 -9.98 19.51
CA PRO B 349 6.62 -11.35 19.34
C PRO B 349 6.66 -11.80 17.89
N ALA B 350 7.04 -13.07 17.69
CA ALA B 350 7.06 -13.67 16.36
C ALA B 350 5.63 -13.93 15.92
N LEU B 351 5.40 -13.86 14.61
CA LEU B 351 4.18 -14.37 14.02
C LEU B 351 4.31 -15.88 13.89
N GLU B 352 3.31 -16.60 14.39
CA GLU B 352 3.35 -18.07 14.41
C GLU B 352 2.04 -18.67 13.90
N ASN B 353 2.12 -19.94 13.53
CA ASN B 353 0.93 -20.73 13.17
C ASN B 353 0.17 -20.11 11.99
N GLU B 354 -1.16 -20.04 12.08
CA GLU B 354 -1.94 -19.54 10.95
C GLU B 354 -1.68 -18.06 10.66
N GLU B 355 -1.43 -17.28 11.71
CA GLU B 355 -1.09 -15.87 11.53
C GLU B 355 0.19 -15.73 10.70
N TYR B 356 1.16 -16.59 10.97
CA TYR B 356 2.40 -16.64 10.18
C TYR B 356 2.12 -16.91 8.71
N ARG B 357 1.25 -17.89 8.45
CA ARG B 357 0.91 -18.28 7.08
C ARG B 357 0.17 -17.16 6.34
N ILE B 358 -0.82 -16.57 7.01
CA ILE B 358 -1.63 -15.50 6.42
C ILE B 358 -0.80 -14.24 6.19
N VAL B 359 -0.03 -13.82 7.19
CA VAL B 359 0.67 -12.53 7.14
C VAL B 359 1.95 -12.56 6.29
N THR B 360 2.73 -13.63 6.39
CA THR B 360 4.03 -13.70 5.70
C THR B 360 4.01 -14.48 4.38
N GLY B 361 2.94 -15.24 4.14
CA GLY B 361 2.86 -16.11 2.96
C GLY B 361 3.83 -17.28 2.98
N CYS B 362 4.25 -17.68 4.18
CA CYS B 362 5.13 -18.84 4.37
C CYS B 362 6.50 -18.72 3.70
N ASP B 363 7.11 -17.55 3.81
CA ASP B 363 8.49 -17.35 3.38
C ASP B 363 9.38 -18.11 4.35
N PRO B 364 10.13 -19.13 3.86
CA PRO B 364 10.92 -19.96 4.78
C PRO B 364 12.04 -19.21 5.50
N LYS B 365 12.50 -18.09 4.97
CA LYS B 365 13.52 -17.30 5.67
C LYS B 365 12.97 -16.58 6.90
N ASN B 366 11.64 -16.39 6.97
CA ASN B 366 11.02 -15.68 8.11
C ASN B 366 10.19 -16.55 9.04
N ILE B 367 10.64 -17.78 9.26
CA ILE B 367 10.05 -18.66 10.26
C ILE B 367 10.13 -18.00 11.65
N PRO B 368 9.27 -18.42 12.59
CA PRO B 368 9.19 -17.75 13.89
C PRO B 368 10.54 -17.62 14.61
N TRP B 369 10.77 -16.43 15.15
CA TRP B 369 12.00 -16.10 15.89
C TRP B 369 13.26 -16.17 15.03
N SER B 370 13.10 -15.96 13.72
CA SER B 370 14.23 -15.93 12.79
C SER B 370 14.15 -14.74 11.84
N TYR B 371 15.31 -14.16 11.55
CA TYR B 371 15.46 -13.09 10.56
C TYR B 371 14.50 -11.92 10.89
N HIS B 372 13.63 -11.51 9.97
CA HIS B 372 12.71 -10.40 10.22
C HIS B 372 11.63 -10.76 11.24
N ASN B 373 11.29 -12.04 11.33
CA ASN B 373 10.19 -12.50 12.19
C ASN B 373 10.64 -12.72 13.63
N ALA B 374 10.89 -11.61 14.32
CA ALA B 374 11.38 -11.60 15.71
C ALA B 374 12.75 -12.27 15.89
N GLY B 375 13.60 -12.12 14.88
CA GLY B 375 15.01 -12.48 15.02
C GLY B 375 15.72 -11.40 15.82
N SER B 376 16.93 -11.70 16.26
CA SER B 376 17.74 -10.77 17.07
C SER B 376 18.86 -10.18 16.22
N TRP B 377 18.92 -8.85 16.15
CA TRP B 377 19.84 -8.15 15.26
C TRP B 377 20.85 -7.27 16.02
N PRO B 378 22.12 -7.69 16.06
CA PRO B 378 23.17 -6.95 16.77
C PRO B 378 23.26 -5.46 16.39
N VAL B 379 23.14 -5.15 15.10
CA VAL B 379 23.21 -3.77 14.63
C VAL B 379 22.34 -2.83 15.48
N LEU B 380 21.15 -3.29 15.86
CA LEU B 380 20.21 -2.45 16.61
C LEU B 380 20.74 -1.96 17.97
N TRP B 382 23.34 -0.25 18.67
CA TRP B 382 23.81 1.15 18.64
C TRP B 382 22.66 2.13 18.89
N LEU B 384 19.90 1.22 20.62
CA LEU B 384 19.56 0.97 22.02
C LEU B 384 20.48 1.80 22.92
N ALA B 385 21.77 1.82 22.56
CA ALA B 385 22.75 2.65 23.26
C ALA B 385 22.38 4.13 23.21
N ALA B 386 22.16 4.63 22.00
CA ALA B 386 21.79 6.03 21.79
C ALA B 386 20.55 6.43 22.59
N ALA B 387 19.50 5.63 22.48
CA ALA B 387 18.23 5.90 23.18
C ALA B 387 18.37 5.83 24.70
N SER B 388 19.19 4.90 25.18
CA SER B 388 19.43 4.71 26.62
C SER B 388 20.14 5.90 27.23
N VAL B 389 21.17 6.38 26.53
CA VAL B 389 21.91 7.58 26.91
C VAL B 389 21.00 8.80 26.91
N LYS B 390 20.28 8.98 25.81
CA LYS B 390 19.28 10.04 25.67
C LYS B 390 18.27 10.04 26.81
N ALA B 391 17.80 8.84 27.16
CA ALA B 391 16.76 8.67 28.18
C ALA B 391 17.29 8.80 29.60
N GLY B 392 18.61 8.87 29.75
CA GLY B 392 19.23 8.97 31.07
C GLY B 392 19.29 7.64 31.80
N LYS B 393 19.48 6.56 31.04
CA LYS B 393 19.69 5.23 31.63
C LYS B 393 20.81 4.49 30.86
N PRO B 394 22.04 5.04 30.92
CA PRO B 394 23.14 4.50 30.11
C PRO B 394 23.60 3.10 30.52
N TYR B 395 23.28 2.66 31.74
CA TYR B 395 23.60 1.31 32.19
C TYR B 395 22.97 0.22 31.30
N ILE B 396 21.83 0.53 30.69
CA ILE B 396 21.22 -0.36 29.69
C ILE B 396 22.19 -0.62 28.54
N ALA B 397 22.77 0.46 28.00
CA ALA B 397 23.76 0.36 26.95
C ALA B 397 24.93 -0.54 27.37
N GLY B 398 25.40 -0.34 28.59
CA GLY B 398 26.48 -1.16 29.15
C GLY B 398 26.10 -2.63 29.25
N LYS B 399 24.90 -2.88 29.76
CA LYS B 399 24.35 -4.23 29.89
C LYS B 399 24.29 -4.95 28.53
N ALA B 400 23.86 -4.22 27.49
CA ALA B 400 23.76 -4.76 26.14
C ALA B 400 25.13 -5.08 25.54
N ILE B 401 26.09 -4.19 25.76
CA ILE B 401 27.47 -4.37 25.27
C ILE B 401 28.11 -5.60 25.92
N GLU B 402 27.86 -5.77 27.21
CA GLU B 402 28.37 -6.92 27.97
C GLU B 402 27.86 -8.25 27.43
N ILE B 403 26.55 -8.31 27.20
CA ILE B 403 25.93 -9.51 26.63
C ILE B 403 26.53 -9.81 25.24
N ALA B 404 26.66 -8.77 24.43
CA ALA B 404 27.19 -8.90 23.06
C ALA B 404 28.67 -9.29 23.02
N GLN B 405 29.46 -8.71 23.93
CA GLN B 405 30.90 -9.01 24.03
C GLN B 405 31.19 -10.50 24.23
N ALA B 406 30.35 -11.18 25.00
CA ALA B 406 30.54 -12.58 25.36
C ALA B 406 30.55 -13.55 24.17
N ARG B 407 29.91 -13.16 23.07
CA ARG B 407 29.63 -14.09 21.97
C ARG B 407 30.06 -13.63 20.58
N LEU B 408 29.91 -12.33 20.30
CA LEU B 408 30.07 -11.82 18.92
C LEU B 408 31.41 -12.13 18.27
N LEU B 409 32.50 -12.05 19.01
CA LEU B 409 33.82 -12.33 18.46
C LEU B 409 33.99 -13.81 18.15
N GLU B 410 33.66 -14.67 19.12
CA GLU B 410 33.72 -16.12 18.93
C GLU B 410 32.86 -16.58 17.76
N ASP B 411 31.66 -16.01 17.65
CA ASP B 411 30.74 -16.36 16.56
C ASP B 411 31.10 -15.69 15.24
N GLU B 412 32.15 -14.86 15.24
CA GLU B 412 32.65 -14.18 14.04
C GLU B 412 31.64 -13.17 13.46
N TRP B 413 31.02 -12.41 14.36
CA TRP B 413 30.15 -11.27 14.01
C TRP B 413 29.00 -11.64 13.07
N PRO B 414 28.04 -12.46 13.54
CA PRO B 414 26.95 -12.88 12.65
C PRO B 414 25.97 -11.75 12.33
N GLU B 415 25.35 -11.86 11.16
CA GLU B 415 24.33 -10.92 10.70
C GLU B 415 23.17 -10.82 11.66
N TYR B 416 22.69 -11.97 12.11
CA TYR B 416 21.57 -12.04 13.05
C TYR B 416 21.57 -13.34 13.84
N TYR B 417 20.77 -13.35 14.90
CA TYR B 417 20.60 -14.52 15.75
C TYR B 417 19.12 -14.89 15.81
N ASP B 418 18.84 -16.17 16.06
CA ASP B 418 17.48 -16.70 16.10
C ASP B 418 17.10 -17.25 17.47
N GLY B 419 15.81 -17.51 17.64
CA GLY B 419 15.27 -18.07 18.88
C GLY B 419 14.65 -17.03 19.79
N LYS B 420 13.80 -17.49 20.71
CA LYS B 420 13.12 -16.60 21.66
C LYS B 420 14.09 -15.76 22.50
N LYS B 421 15.26 -16.31 22.78
CA LYS B 421 16.29 -15.60 23.56
C LYS B 421 17.50 -15.22 22.71
N GLY B 422 17.40 -15.38 21.40
CA GLY B 422 18.49 -15.04 20.47
C GLY B 422 19.71 -15.93 20.66
N ARG B 423 19.47 -17.17 21.05
CA ARG B 423 20.53 -18.11 21.42
C ARG B 423 21.22 -18.74 20.21
N LEU B 424 20.52 -18.88 19.09
CA LEU B 424 21.08 -19.50 17.90
C LEU B 424 21.67 -18.47 16.94
N ILE B 425 22.79 -18.82 16.33
CA ILE B 425 23.32 -18.06 15.21
C ILE B 425 22.30 -18.16 14.09
N GLY B 426 22.07 -17.04 13.40
CA GLY B 426 21.00 -16.95 12.40
C GLY B 426 21.04 -18.09 11.40
N LYS B 427 19.87 -18.62 11.07
CA LYS B 427 19.76 -19.82 10.23
C LYS B 427 20.49 -19.66 8.91
N GLN B 428 20.40 -18.47 8.31
CA GLN B 428 21.13 -18.15 7.09
C GLN B 428 22.01 -16.91 7.27
N ALA B 429 22.39 -16.61 8.51
CA ALA B 429 23.15 -15.41 8.82
C ALA B 429 24.55 -15.47 8.24
N ARG B 430 24.96 -14.39 7.59
CA ARG B 430 26.34 -14.27 7.11
C ARG B 430 27.24 -13.94 8.28
N LYS B 431 28.50 -14.35 8.18
CA LYS B 431 29.51 -14.00 9.18
C LYS B 431 30.24 -12.75 8.73
N TYR B 432 30.87 -12.06 9.68
CA TYR B 432 31.55 -10.79 9.41
C TYR B 432 30.61 -9.76 8.83
N GLN B 433 29.42 -9.68 9.40
CA GLN B 433 28.44 -8.71 8.95
C GLN B 433 28.88 -7.34 9.45
N THR B 434 29.11 -6.44 8.51
CA THR B 434 29.71 -5.14 8.83
C THR B 434 28.90 -4.31 9.82
N TRP B 435 27.57 -4.28 9.68
CA TRP B 435 26.76 -3.45 10.60
C TRP B 435 26.58 -4.09 11.97
N THR B 436 26.92 -5.38 12.10
CA THR B 436 27.06 -6.02 13.41
C THR B 436 28.31 -5.48 14.11
N ILE B 437 29.40 -5.37 13.35
CA ILE B 437 30.68 -4.87 13.85
C ILE B 437 30.59 -3.38 14.18
N ALA B 438 30.12 -2.60 13.20
CA ALA B 438 29.96 -1.16 13.36
C ALA B 438 28.95 -0.82 14.46
N GLY B 439 27.85 -1.57 14.52
CA GLY B 439 26.84 -1.37 15.57
C GLY B 439 27.41 -1.59 16.96
N PHE B 440 28.25 -2.62 17.09
CA PHE B 440 28.94 -2.91 18.33
C PHE B 440 29.80 -1.72 18.77
N LEU B 441 30.69 -1.30 17.88
CA LEU B 441 31.61 -0.19 18.17
C LEU B 441 30.87 1.11 18.45
N LEU B 442 29.82 1.38 17.68
CA LEU B 442 29.08 2.65 17.79
C LEU B 442 28.32 2.75 19.12
N ALA B 443 27.88 1.60 19.64
CA ALA B 443 27.22 1.54 20.94
C ALA B 443 28.16 2.04 22.04
N ALA B 444 29.42 1.62 21.98
CA ALA B 444 30.45 2.01 22.95
C ALA B 444 30.82 3.50 22.82
N GLU B 445 31.05 3.95 21.59
CA GLU B 445 31.40 5.36 21.32
C GLU B 445 30.35 6.31 21.87
N LEU B 446 29.08 6.01 21.63
CA LEU B 446 27.96 6.83 22.12
C LEU B 446 27.83 6.78 23.64
N LYS B 448 30.52 6.29 25.59
CA LYS B 448 31.68 7.09 25.98
C LYS B 448 31.42 8.59 25.88
N ASN B 449 30.77 9.01 24.79
CA ASN B 449 30.49 10.43 24.56
C ASN B 449 29.03 10.69 24.17
N PRO B 450 28.16 10.91 25.17
CA PRO B 450 26.75 11.23 24.93
C PRO B 450 26.48 12.44 24.04
N SER B 451 27.45 13.36 23.95
CA SER B 451 27.31 14.55 23.09
C SER B 451 27.27 14.18 21.59
N LEU B 452 27.69 12.96 21.26
CA LEU B 452 27.64 12.46 19.88
C LEU B 452 26.22 12.26 19.34
N LEU B 453 25.22 12.31 20.21
CA LEU B 453 23.81 12.24 19.80
C LEU B 453 23.38 13.37 18.87
N SER B 454 24.13 14.47 18.86
CA SER B 454 23.89 15.57 17.93
C SER B 454 24.04 15.12 16.46
N LEU B 455 24.86 14.12 16.23
CA LEU B 455 25.05 13.56 14.88
C LEU B 455 23.82 12.87 14.32
N ILE B 456 22.96 12.36 15.21
CA ILE B 456 21.78 11.61 14.79
C ILE B 456 20.46 12.25 15.26
N SER B 457 20.55 13.47 15.80
CA SER B 457 19.37 14.18 16.28
C SER B 457 19.65 15.67 16.45
#